data_7YHW
#
_entry.id   7YHW
#
_cell.length_a   1.00
_cell.length_b   1.00
_cell.length_c   1.00
_cell.angle_alpha   90.00
_cell.angle_beta   90.00
_cell.angle_gamma   90.00
#
_symmetry.space_group_name_H-M   'P 1'
#
loop_
_entity.id
_entity.type
_entity.pdbx_description
1 polymer 'Angiotensin-converting enzyme 2'
2 polymer 'Spike protein S1'
3 branched 2-acetamido-2-deoxy-beta-D-glucopyranose-(1-4)-2-acetamido-2-deoxy-beta-D-glucopyranose
4 branched 2-acetamido-2-deoxy-beta-D-glucopyranose-(1-4)-[alpha-L-fucopyranose-(1-6)]2-acetamido-2-deoxy-beta-D-glucopyranose
5 non-polymer 2-acetamido-2-deoxy-beta-D-glucopyranose
6 non-polymer 'ZINC ION'
#
loop_
_entity_poly.entity_id
_entity_poly.type
_entity_poly.pdbx_seq_one_letter_code
_entity_poly.pdbx_strand_id
1 'polypeptide(L)'
;STIEEQAKTFLDKFNHEAEDLFYQSSLASWNYNTNITEENVQNMNNAGDKWSAFLKEQSTLAQMYPLQEIQNLTVKLQLQ
ALQQNGSSVLSEDKSKRLNTILNTMSTIYSTGKVCNPDNPQECLLLEPGLNEIMANSLDYNERLWAWESWRSEVGKQLRP
LYEEYVVLKNEMARANHYEDYGDYWRGDYEVNGVDGYDYSRGQLIEDVEHTFEEIKPLYEHLHAYVRAKLMNAYPSYISP
IGCLPAHLLGDMWGRFWTNLYSLTVPFGQKPNIDVTDAMVDQAWDAQRIFKEAEKFFVSVGLPNMTQGFWENSMLTDPGN
VQKAVCHPTAWDLGKGDFRILMCTKVTMDDFLTAHHEMGHIQYDMAYAAQPFLLRNGANEGFHEAVGEIMSLSAATPKHL
KSIGLLSPDFQEDNETEINFLLKQALTIVGTLPFTYMLEKWRWMVFKGEIPKDQWMKKWWEMKREIVGVVEPVPHDETYC
DPASLFHVSNDYSFIRYYTRTLYQFQFQEALCQAAKHEGPLHKCDISNSTEAGQKLFNMLRLGKSEPWTLALENVVGAKN
MNVRPLLNYFEPLFTWLKDQNKNSFVGWSTDWSPYA
;
A
2 'polypeptide(L)'
;TNLCPFDEVFNATRFASVYAWNRKRISNCVADYSVLYNFAPFFAFKCYGVSPTKLNDLCFTNVYADSFVIRGNEVSQIAP
GQTGNIADYNYKLPDDFTGCVIAWNSNKLDSKVGGNYNYQYRLFRKSNLKPFERDISTEIYQAGNKPCNGVAGFNCYFPL
RSYGFRPTYGVGHQPYRVVVLSFELLHAPATVCGP
;
B
#
loop_
_chem_comp.id
_chem_comp.type
_chem_comp.name
_chem_comp.formula
FUC L-saccharide, alpha linking alpha-L-fucopyranose 'C6 H12 O5'
NAG D-saccharide, beta linking 2-acetamido-2-deoxy-beta-D-glucopyranose 'C8 H15 N O6'
ZN non-polymer 'ZINC ION' 'Zn 2'
#
# COMPACT_ATOMS: atom_id res chain seq x y z
N SER A 1 -33.25 -18.40 -8.27
CA SER A 1 -32.02 -17.67 -7.84
C SER A 1 -30.86 -18.11 -8.70
N THR A 2 -30.41 -17.23 -9.59
CA THR A 2 -29.31 -17.56 -10.50
C THR A 2 -28.02 -17.67 -9.70
N ILE A 3 -26.90 -17.87 -10.37
CA ILE A 3 -25.60 -18.00 -9.73
C ILE A 3 -25.07 -16.65 -9.26
N GLU A 4 -25.33 -15.60 -10.04
CA GLU A 4 -24.78 -14.29 -9.71
C GLU A 4 -25.30 -13.75 -8.38
N GLU A 5 -26.59 -13.95 -8.10
CA GLU A 5 -27.13 -13.47 -6.82
C GLU A 5 -26.51 -14.23 -5.65
N GLN A 6 -26.29 -15.52 -5.85
CA GLN A 6 -25.69 -16.34 -4.80
C GLN A 6 -24.25 -15.86 -4.58
N ALA A 7 -23.54 -15.51 -5.63
CA ALA A 7 -22.18 -14.98 -5.51
C ALA A 7 -22.18 -13.65 -4.75
N LYS A 8 -23.14 -12.79 -5.06
CA LYS A 8 -23.22 -11.50 -4.38
C LYS A 8 -23.46 -11.68 -2.89
N THR A 9 -24.35 -12.60 -2.53
CA THR A 9 -24.63 -12.84 -1.11
C THR A 9 -23.39 -13.40 -0.40
N PHE A 10 -22.70 -14.34 -1.04
CA PHE A 10 -21.50 -14.90 -0.43
C PHE A 10 -20.44 -13.83 -0.23
N LEU A 11 -20.28 -12.94 -1.21
CA LEU A 11 -19.34 -11.84 -1.06
C LEU A 11 -19.75 -10.89 0.05
N ASP A 12 -21.06 -10.65 0.21
CA ASP A 12 -21.51 -9.78 1.29
C ASP A 12 -21.16 -10.36 2.65
N LYS A 13 -21.31 -11.68 2.82
CA LYS A 13 -20.92 -12.29 4.10
C LYS A 13 -19.40 -12.25 4.30
N PHE A 14 -18.64 -12.53 3.25
CA PHE A 14 -17.19 -12.53 3.36
C PHE A 14 -16.65 -11.15 3.71
N ASN A 15 -17.22 -10.10 3.11
CA ASN A 15 -16.76 -8.75 3.37
C ASN A 15 -16.98 -8.32 4.81
N HIS A 16 -17.92 -8.91 5.53
CA HIS A 16 -18.09 -8.52 6.95
C HIS A 16 -17.20 -9.36 7.85
N GLU A 17 -16.95 -10.62 7.49
CA GLU A 17 -16.16 -11.53 8.37
C GLU A 17 -14.67 -11.26 8.20
N ALA A 18 -14.25 -10.75 7.03
CA ALA A 18 -12.84 -10.52 6.75
C ALA A 18 -12.36 -9.24 7.41
N GLU A 19 -13.18 -8.19 7.41
CA GLU A 19 -12.74 -6.92 7.97
C GLU A 19 -12.40 -7.06 9.44
N ASP A 20 -13.26 -7.74 10.20
CA ASP A 20 -13.02 -7.90 11.63
C ASP A 20 -11.78 -8.74 11.90
N LEU A 21 -11.67 -9.89 11.21
CA LEU A 21 -10.50 -10.75 11.47
C LEU A 21 -9.20 -10.04 11.07
N PHE A 22 -9.21 -9.34 9.94
CA PHE A 22 -8.03 -8.62 9.49
C PHE A 22 -7.67 -7.48 10.43
N TYR A 23 -8.68 -6.80 10.99
CA TYR A 23 -8.38 -5.74 11.95
C TYR A 23 -7.71 -6.32 13.19
N GLN A 24 -8.12 -7.48 13.61
CA GLN A 24 -7.53 -8.01 14.85
C GLN A 24 -6.11 -8.48 14.56
N SER A 25 -5.86 -9.01 13.37
CA SER A 25 -4.49 -9.38 13.00
C SER A 25 -3.60 -8.15 12.88
N SER A 26 -4.09 -7.09 12.25
CA SER A 26 -3.29 -5.89 12.04
C SER A 26 -2.97 -5.20 13.36
N LEU A 27 -3.94 -5.12 14.26
CA LEU A 27 -3.67 -4.51 15.55
C LEU A 27 -2.65 -5.32 16.34
N ALA A 28 -2.76 -6.65 16.30
CA ALA A 28 -1.77 -7.48 16.98
C ALA A 28 -0.38 -7.26 16.42
N SER A 29 -0.27 -7.19 15.09
CA SER A 29 1.04 -6.96 14.47
C SER A 29 1.61 -5.59 14.84
N TRP A 30 0.76 -4.57 14.88
CA TRP A 30 1.23 -3.24 15.29
C TRP A 30 1.73 -3.27 16.73
N ASN A 31 0.98 -3.92 17.62
CA ASN A 31 1.41 -3.99 19.01
C ASN A 31 2.73 -4.73 19.14
N TYR A 32 2.95 -5.74 18.31
CA TYR A 32 4.25 -6.41 18.33
C TYR A 32 5.36 -5.51 17.79
N ASN A 33 5.08 -4.73 16.75
CA ASN A 33 6.13 -3.89 16.17
C ASN A 33 6.44 -2.67 17.01
N THR A 34 5.56 -2.28 17.93
CA THR A 34 5.85 -1.17 18.84
C THR A 34 6.63 -1.63 20.06
N ASN A 35 6.08 -2.58 20.82
CA ASN A 35 6.77 -3.18 21.94
C ASN A 35 7.64 -4.34 21.45
N ILE A 36 8.23 -5.07 22.38
CA ILE A 36 8.79 -6.40 22.14
C ILE A 36 8.62 -7.18 23.43
N THR A 37 7.81 -8.23 23.39
CA THR A 37 7.50 -9.00 24.58
C THR A 37 7.09 -10.40 24.14
N GLU A 38 7.41 -11.39 24.98
CA GLU A 38 7.01 -12.75 24.67
C GLU A 38 5.50 -12.90 24.58
N GLU A 39 4.75 -12.05 25.28
CA GLU A 39 3.29 -12.12 25.20
C GLU A 39 2.79 -11.56 23.87
N ASN A 40 3.34 -10.42 23.43
CA ASN A 40 2.91 -9.81 22.19
C ASN A 40 3.19 -10.69 20.98
N VAL A 41 4.33 -11.37 20.94
CA VAL A 41 4.59 -12.30 19.84
C VAL A 41 3.55 -13.41 19.82
N GLN A 42 3.21 -13.96 20.99
CA GLN A 42 2.21 -15.03 21.05
C GLN A 42 0.86 -14.56 20.55
N ASN A 43 0.44 -13.35 20.95
CA ASN A 43 -0.82 -12.82 20.48
C ASN A 43 -0.80 -12.61 18.97
N MET A 44 0.31 -12.10 18.45
CA MET A 44 0.47 -11.95 17.01
C MET A 44 0.30 -13.28 16.29
N ASN A 45 0.97 -14.31 16.78
CA ASN A 45 0.93 -15.61 16.11
C ASN A 45 -0.47 -16.21 16.16
N ASN A 46 -1.16 -16.07 17.29
CA ASN A 46 -2.52 -16.60 17.37
C ASN A 46 -3.45 -15.90 16.40
N ALA A 47 -3.40 -14.56 16.35
CA ALA A 47 -4.26 -13.84 15.42
C ALA A 47 -3.94 -14.17 13.97
N GLY A 48 -2.65 -14.28 13.65
CA GLY A 48 -2.27 -14.64 12.30
C GLY A 48 -2.75 -16.02 11.90
N ASP A 49 -2.66 -16.98 12.83
CA ASP A 49 -3.19 -18.31 12.55
C ASP A 49 -4.68 -18.26 12.31
N LYS A 50 -5.41 -17.48 13.10
CA LYS A 50 -6.85 -17.36 12.87
C LYS A 50 -7.17 -16.79 11.50
N TRP A 51 -6.46 -15.73 11.10
CA TRP A 51 -6.71 -15.13 9.79
C TRP A 51 -6.38 -16.09 8.66
N SER A 52 -5.25 -16.79 8.76
CA SER A 52 -4.88 -17.75 7.73
C SER A 52 -5.88 -18.88 7.64
N ALA A 53 -6.36 -19.36 8.78
CA ALA A 53 -7.38 -20.41 8.76
C ALA A 53 -8.67 -19.91 8.10
N PHE A 54 -9.06 -18.68 8.40
CA PHE A 54 -10.27 -18.13 7.77
C PHE A 54 -10.13 -18.06 6.26
N LEU A 55 -8.99 -17.58 5.77
CA LEU A 55 -8.78 -17.56 4.33
C LEU A 55 -8.74 -18.96 3.72
N LYS A 56 -8.12 -19.91 4.42
CA LYS A 56 -8.03 -21.27 3.89
C LYS A 56 -9.40 -21.90 3.76
N GLU A 57 -10.26 -21.70 4.76
CA GLU A 57 -11.59 -22.31 4.70
C GLU A 57 -12.45 -21.67 3.62
N GLN A 58 -12.36 -20.36 3.44
CA GLN A 58 -13.27 -19.66 2.54
C GLN A 58 -12.98 -19.93 1.07
N SER A 59 -11.74 -20.22 0.71
CA SER A 59 -11.43 -20.47 -0.70
C SER A 59 -12.11 -21.73 -1.20
N THR A 60 -12.27 -22.74 -0.34
CA THR A 60 -12.96 -23.96 -0.74
C THR A 60 -14.42 -23.67 -1.06
N LEU A 61 -15.07 -22.81 -0.27
CA LEU A 61 -16.45 -22.42 -0.56
C LEU A 61 -16.58 -21.67 -1.89
N ALA A 62 -15.65 -20.77 -2.18
CA ALA A 62 -15.72 -19.98 -3.39
C ALA A 62 -15.53 -20.80 -4.66
N GLN A 63 -14.94 -22.00 -4.55
CA GLN A 63 -14.79 -22.88 -5.70
C GLN A 63 -16.02 -23.77 -5.84
N MET A 64 -17.17 -23.11 -5.82
CA MET A 64 -18.42 -23.77 -6.18
C MET A 64 -19.28 -22.87 -7.06
N TYR A 65 -18.83 -21.64 -7.33
CA TYR A 65 -19.50 -20.74 -8.25
C TYR A 65 -18.64 -20.64 -9.50
N PRO A 66 -19.07 -21.25 -10.60
CA PRO A 66 -18.27 -21.21 -11.83
C PRO A 66 -18.02 -19.79 -12.31
N LEU A 67 -16.81 -19.53 -12.81
CA LEU A 67 -16.41 -18.18 -13.17
C LEU A 67 -17.10 -17.67 -14.44
N GLN A 68 -17.35 -18.53 -15.42
CA GLN A 68 -17.93 -18.08 -16.68
C GLN A 68 -19.38 -17.66 -16.54
N GLU A 69 -20.07 -18.10 -15.48
CA GLU A 69 -21.47 -17.78 -15.35
C GLU A 69 -21.71 -16.32 -14.98
N ILE A 70 -20.75 -15.69 -14.32
CA ILE A 70 -20.93 -14.34 -13.83
C ILE A 70 -20.50 -13.35 -14.89
N GLN A 71 -21.36 -12.37 -15.18
CA GLN A 71 -21.02 -11.25 -16.04
C GLN A 71 -21.32 -9.96 -15.27
N ASN A 72 -20.35 -9.54 -14.45
CA ASN A 72 -20.43 -8.25 -13.77
C ASN A 72 -19.12 -7.49 -13.77
N LEU A 73 -17.98 -8.15 -13.96
CA LEU A 73 -16.66 -7.53 -14.05
C LEU A 73 -16.23 -6.89 -12.73
N THR A 74 -17.07 -7.03 -11.70
CA THR A 74 -16.67 -6.66 -10.35
C THR A 74 -16.80 -7.83 -9.37
N VAL A 75 -17.85 -8.63 -9.47
CA VAL A 75 -17.91 -9.86 -8.70
C VAL A 75 -16.87 -10.85 -9.19
N LYS A 76 -16.61 -10.88 -10.49
CA LYS A 76 -15.62 -11.79 -11.04
C LYS A 76 -14.23 -11.52 -10.49
N LEU A 77 -13.87 -10.24 -10.35
CA LEU A 77 -12.55 -9.90 -9.82
C LEU A 77 -12.39 -10.39 -8.38
N GLN A 78 -13.43 -10.23 -7.56
CA GLN A 78 -13.32 -10.64 -6.17
C GLN A 78 -13.31 -12.15 -6.02
N LEU A 79 -14.13 -12.86 -6.80
CA LEU A 79 -14.13 -14.31 -6.72
C LEU A 79 -12.84 -14.91 -7.26
N GLN A 80 -12.29 -14.31 -8.32
CA GLN A 80 -11.02 -14.77 -8.84
C GLN A 80 -9.92 -14.65 -7.78
N ALA A 81 -9.93 -13.55 -7.02
CA ALA A 81 -8.90 -13.34 -6.00
C ALA A 81 -9.05 -14.33 -4.85
N LEU A 82 -10.20 -14.98 -4.72
CA LEU A 82 -10.37 -15.99 -3.69
C LEU A 82 -10.12 -17.38 -4.22
N GLN A 83 -10.26 -17.57 -5.53
CA GLN A 83 -10.23 -18.91 -6.08
C GLN A 83 -8.82 -19.45 -6.31
N GLN A 84 -7.77 -18.66 -6.12
CA GLN A 84 -6.42 -19.21 -6.26
C GLN A 84 -6.17 -20.26 -5.18
N ASN A 85 -5.62 -21.38 -5.60
CA ASN A 85 -5.29 -22.47 -4.69
C ASN A 85 -3.93 -22.24 -4.02
N GLY A 86 -2.94 -21.81 -4.79
CA GLY A 86 -1.61 -21.61 -4.25
C GLY A 86 -0.83 -22.92 -4.25
N SER A 87 -0.19 -23.21 -3.12
CA SER A 87 0.57 -24.44 -2.97
C SER A 87 -0.30 -25.62 -2.54
N SER A 88 -1.60 -25.40 -2.34
CA SER A 88 -2.49 -26.48 -1.93
C SER A 88 -2.71 -27.51 -3.03
N VAL A 89 -2.43 -27.17 -4.28
CA VAL A 89 -2.61 -28.11 -5.38
C VAL A 89 -1.67 -29.30 -5.30
N LEU A 90 -0.53 -29.15 -4.64
CA LEU A 90 0.47 -30.21 -4.57
C LEU A 90 0.12 -31.21 -3.48
N SER A 91 0.81 -32.36 -3.52
CA SER A 91 0.67 -33.34 -2.47
C SER A 91 1.28 -32.83 -1.17
N GLU A 92 0.91 -33.47 -0.06
CA GLU A 92 1.34 -33.01 1.25
C GLU A 92 2.86 -33.11 1.40
N ASP A 93 3.45 -34.21 0.96
CA ASP A 93 4.90 -34.38 1.10
C ASP A 93 5.65 -33.32 0.31
N LYS A 94 5.20 -33.06 -0.93
CA LYS A 94 5.86 -32.04 -1.74
C LYS A 94 5.71 -30.65 -1.15
N SER A 95 4.53 -30.35 -0.59
CA SER A 95 4.33 -29.07 0.06
C SER A 95 5.26 -28.90 1.26
N LYS A 96 5.38 -29.95 2.07
CA LYS A 96 6.29 -29.90 3.21
C LYS A 96 7.73 -29.71 2.76
N ARG A 97 8.13 -30.42 1.70
CA ARG A 97 9.49 -30.28 1.19
C ARG A 97 9.74 -28.86 0.68
N LEU A 98 8.77 -28.28 -0.02
CA LEU A 98 8.94 -26.92 -0.52
C LEU A 98 9.06 -25.92 0.62
N ASN A 99 8.23 -26.06 1.65
CA ASN A 99 8.33 -25.18 2.80
C ASN A 99 9.68 -25.33 3.49
N THR A 100 10.16 -26.57 3.61
CA THR A 100 11.46 -26.79 4.24
C THR A 100 12.58 -26.15 3.43
N ILE A 101 12.50 -26.25 2.10
CA ILE A 101 13.53 -25.66 1.24
C ILE A 101 13.54 -24.14 1.41
N LEU A 102 12.35 -23.52 1.40
CA LEU A 102 12.28 -22.07 1.56
C LEU A 102 12.83 -21.64 2.91
N ASN A 103 12.45 -22.34 3.99
CA ASN A 103 12.93 -21.98 5.31
C ASN A 103 14.45 -22.14 5.40
N THR A 104 14.98 -23.22 4.81
CA THR A 104 16.43 -23.43 4.85
C THR A 104 17.17 -22.33 4.10
N MET A 105 16.68 -21.94 2.91
CA MET A 105 17.34 -20.86 2.19
C MET A 105 17.30 -19.55 2.97
N SER A 106 16.15 -19.24 3.57
CA SER A 106 16.05 -18.02 4.35
C SER A 106 17.03 -18.04 5.53
N THR A 107 17.12 -19.16 6.23
CA THR A 107 17.96 -19.20 7.43
C THR A 107 19.44 -19.32 7.08
N ILE A 108 19.76 -19.74 5.85
CA ILE A 108 21.16 -19.79 5.46
C ILE A 108 21.61 -18.45 4.89
N TYR A 109 20.68 -17.66 4.35
CA TYR A 109 21.02 -16.29 3.98
C TYR A 109 21.12 -15.40 5.21
N SER A 110 20.23 -15.59 6.18
CA SER A 110 20.15 -14.66 7.31
C SER A 110 21.39 -14.65 8.17
N THR A 111 22.00 -15.81 8.41
CA THR A 111 23.12 -15.92 9.35
C THR A 111 24.37 -16.41 8.63
N GLY A 112 24.65 -15.85 7.46
CA GLY A 112 25.85 -16.19 6.71
C GLY A 112 27.02 -15.38 7.22
N LYS A 113 28.09 -16.08 7.58
CA LYS A 113 29.26 -15.46 8.18
C LYS A 113 30.51 -15.90 7.43
N VAL A 114 31.41 -14.96 7.18
CA VAL A 114 32.66 -15.20 6.47
C VAL A 114 33.81 -14.85 7.39
N CYS A 115 34.88 -15.65 7.34
CA CYS A 115 36.02 -15.49 8.22
C CYS A 115 37.27 -15.17 7.41
N ASN A 116 38.05 -14.20 7.88
CA ASN A 116 39.28 -13.84 7.20
C ASN A 116 40.31 -14.96 7.33
N PRO A 117 41.22 -15.09 6.36
CA PRO A 117 42.16 -16.22 6.38
C PRO A 117 43.06 -16.19 7.61
N ASP A 118 43.33 -17.39 8.14
CA ASP A 118 44.29 -17.59 9.22
C ASP A 118 43.97 -16.74 10.45
N ASN A 119 42.68 -16.57 10.73
CA ASN A 119 42.28 -15.83 11.92
C ASN A 119 40.84 -16.16 12.28
N PRO A 120 40.58 -17.32 12.90
CA PRO A 120 39.20 -17.70 13.20
C PRO A 120 38.50 -16.77 14.18
N GLN A 121 39.25 -15.98 14.96
CA GLN A 121 38.67 -15.11 15.96
C GLN A 121 38.22 -13.76 15.40
N GLU A 122 38.01 -13.67 14.08
CA GLU A 122 37.53 -12.43 13.46
C GLU A 122 36.75 -12.82 12.21
N CYS A 123 35.42 -12.84 12.33
CA CYS A 123 34.55 -13.18 11.21
C CYS A 123 33.47 -12.12 11.10
N LEU A 124 32.96 -11.91 9.89
CA LEU A 124 32.02 -10.83 9.62
C LEU A 124 30.72 -11.38 9.05
N LEU A 125 29.61 -10.75 9.42
CA LEU A 125 28.31 -11.04 8.84
C LEU A 125 28.05 -10.10 7.66
N LEU A 126 26.86 -10.21 7.08
CA LEU A 126 26.50 -9.36 5.94
C LEU A 126 26.24 -7.93 6.39
N GLU A 127 25.46 -7.75 7.45
CA GLU A 127 25.12 -6.39 7.87
C GLU A 127 25.17 -6.28 9.39
N PRO A 128 26.09 -5.47 9.95
CA PRO A 128 27.09 -4.72 9.19
C PRO A 128 28.27 -5.59 8.79
N GLY A 129 29.38 -4.97 8.42
CA GLY A 129 30.55 -5.75 8.05
C GLY A 129 30.87 -5.64 6.58
N LEU A 130 30.56 -6.70 5.83
CA LEU A 130 30.86 -6.73 4.41
C LEU A 130 30.21 -5.57 3.67
N ASN A 131 29.05 -5.11 4.14
CA ASN A 131 28.40 -3.98 3.50
C ASN A 131 29.17 -2.68 3.70
N GLU A 132 29.95 -2.57 4.77
CA GLU A 132 30.76 -1.38 4.99
C GLU A 132 32.06 -1.41 4.21
N ILE A 133 32.63 -2.60 4.00
CA ILE A 133 33.85 -2.72 3.22
C ILE A 133 33.62 -2.33 1.77
N MET A 134 32.52 -2.79 1.19
CA MET A 134 32.28 -2.47 -0.22
C MET A 134 31.50 -1.17 -0.39
N ALA A 135 31.36 -0.37 0.66
CA ALA A 135 30.74 0.93 0.56
C ALA A 135 31.68 2.09 0.86
N ASN A 136 32.81 1.86 1.52
CA ASN A 136 33.68 2.95 1.91
C ASN A 136 35.17 2.69 1.69
N SER A 137 35.57 1.49 1.28
CA SER A 137 36.98 1.13 1.21
C SER A 137 37.50 1.31 -0.20
N LEU A 138 38.65 1.96 -0.33
CA LEU A 138 39.26 2.20 -1.63
C LEU A 138 40.35 1.20 -2.00
N ASP A 139 40.64 0.24 -1.13
CA ASP A 139 41.57 -0.81 -1.50
C ASP A 139 40.93 -1.77 -2.50
N TYR A 140 41.76 -2.33 -3.37
CA TYR A 140 41.29 -3.27 -4.37
C TYR A 140 41.24 -4.70 -3.85
N ASN A 141 42.28 -5.12 -3.14
CA ASN A 141 42.32 -6.50 -2.65
C ASN A 141 41.36 -6.71 -1.49
N GLU A 142 40.98 -5.63 -0.79
CA GLU A 142 40.01 -5.77 0.28
C GLU A 142 38.61 -6.01 -0.26
N ARG A 143 38.26 -5.34 -1.35
CA ARG A 143 36.93 -5.53 -1.93
C ARG A 143 36.80 -6.89 -2.58
N LEU A 144 37.82 -7.31 -3.33
CA LEU A 144 37.76 -8.60 -4.01
C LEU A 144 37.70 -9.75 -3.01
N TRP A 145 38.39 -9.61 -1.87
CA TRP A 145 38.33 -10.63 -0.84
C TRP A 145 36.90 -10.83 -0.36
N ALA A 146 36.22 -9.74 -0.03
CA ALA A 146 34.84 -9.84 0.45
C ALA A 146 33.91 -10.38 -0.63
N TRP A 147 34.08 -9.90 -1.86
CA TRP A 147 33.22 -10.34 -2.96
C TRP A 147 33.36 -11.83 -3.20
N GLU A 148 34.59 -12.35 -3.16
CA GLU A 148 34.78 -13.78 -3.37
C GLU A 148 34.32 -14.58 -2.16
N SER A 149 34.53 -14.07 -0.95
CA SER A 149 34.12 -14.80 0.23
C SER A 149 32.61 -15.01 0.25
N TRP A 150 31.85 -13.94 0.00
CA TRP A 150 30.40 -14.04 0.13
C TRP A 150 29.83 -15.10 -0.81
N ARG A 151 30.38 -15.21 -2.01
CA ARG A 151 29.91 -16.20 -2.97
C ARG A 151 30.65 -17.53 -2.86
N SER A 152 31.67 -17.62 -2.01
CA SER A 152 32.31 -18.90 -1.75
C SER A 152 31.62 -19.66 -0.64
N GLU A 153 31.41 -19.05 0.53
CA GLU A 153 30.72 -19.78 1.58
C GLU A 153 29.20 -19.77 1.41
N VAL A 154 28.58 -18.59 1.40
CA VAL A 154 27.13 -18.53 1.32
C VAL A 154 26.64 -18.94 -0.06
N GLY A 155 27.31 -18.48 -1.12
CA GLY A 155 26.79 -18.71 -2.46
C GLY A 155 26.71 -20.18 -2.83
N LYS A 156 27.74 -20.96 -2.45
CA LYS A 156 27.81 -22.35 -2.88
C LYS A 156 26.94 -23.28 -2.03
N GLN A 157 26.36 -22.79 -0.95
CA GLN A 157 25.54 -23.62 -0.08
C GLN A 157 24.08 -23.64 -0.49
N LEU A 158 23.72 -22.96 -1.58
CA LEU A 158 22.32 -22.77 -1.95
C LEU A 158 21.94 -23.39 -3.29
N ARG A 159 22.90 -23.73 -4.14
CA ARG A 159 22.55 -24.24 -5.47
C ARG A 159 21.77 -25.56 -5.43
N PRO A 160 22.18 -26.57 -4.65
CA PRO A 160 21.34 -27.78 -4.58
C PRO A 160 19.95 -27.52 -4.07
N LEU A 161 19.79 -26.57 -3.15
CA LEU A 161 18.45 -26.17 -2.74
C LEU A 161 17.70 -25.47 -3.86
N TYR A 162 18.40 -24.60 -4.61
CA TYR A 162 17.72 -23.79 -5.61
C TYR A 162 17.22 -24.63 -6.77
N GLU A 163 17.96 -25.65 -7.17
CA GLU A 163 17.50 -26.50 -8.27
C GLU A 163 16.17 -27.18 -7.92
N GLU A 164 16.08 -27.74 -6.72
CA GLU A 164 14.86 -28.41 -6.31
C GLU A 164 13.75 -27.40 -6.06
N TYR A 165 14.09 -26.21 -5.60
CA TYR A 165 13.11 -25.14 -5.46
C TYR A 165 12.47 -24.82 -6.81
N VAL A 166 13.30 -24.72 -7.85
CA VAL A 166 12.78 -24.46 -9.19
C VAL A 166 11.88 -25.60 -9.66
N VAL A 167 12.35 -26.84 -9.50
CA VAL A 167 11.58 -27.96 -10.04
C VAL A 167 10.28 -28.13 -9.29
N LEU A 168 10.23 -27.71 -8.02
CA LEU A 168 8.99 -27.85 -7.27
C LEU A 168 8.05 -26.68 -7.47
N LYS A 169 8.56 -25.48 -7.73
CA LYS A 169 7.70 -24.35 -8.01
C LYS A 169 7.17 -24.36 -9.43
N ASN A 170 7.79 -25.13 -10.34
CA ASN A 170 7.18 -25.37 -11.63
C ASN A 170 5.95 -26.29 -11.57
N GLU A 171 5.97 -27.30 -10.70
CA GLU A 171 4.81 -28.19 -10.59
C GLU A 171 3.58 -27.46 -10.10
N MET A 172 3.74 -26.59 -9.11
CA MET A 172 2.59 -25.84 -8.59
C MET A 172 1.99 -24.94 -9.65
N ALA A 173 2.84 -24.26 -10.42
CA ALA A 173 2.34 -23.42 -11.49
C ALA A 173 1.65 -24.23 -12.57
N ARG A 174 2.22 -25.39 -12.93
CA ARG A 174 1.61 -26.18 -13.99
C ARG A 174 0.29 -26.80 -13.55
N ALA A 175 0.14 -27.07 -12.25
CA ALA A 175 -1.16 -27.52 -11.76
C ALA A 175 -2.18 -26.42 -11.68
N ASN A 176 -1.77 -25.16 -11.84
CA ASN A 176 -2.67 -24.02 -11.86
C ASN A 176 -2.92 -23.50 -13.26
N HIS A 177 -2.71 -24.35 -14.27
CA HIS A 177 -3.03 -24.02 -15.66
C HIS A 177 -2.24 -22.81 -16.15
N TYR A 178 -0.96 -22.78 -15.82
CA TYR A 178 0.00 -21.83 -16.35
C TYR A 178 1.00 -22.58 -17.22
N GLU A 179 2.02 -21.85 -17.70
CA GLU A 179 3.09 -22.48 -18.45
C GLU A 179 4.31 -22.78 -17.59
N ASP A 180 4.70 -21.83 -16.74
CA ASP A 180 5.81 -22.00 -15.83
C ASP A 180 5.65 -20.99 -14.70
N TYR A 181 6.50 -21.11 -13.68
CA TYR A 181 6.42 -20.19 -12.56
C TYR A 181 6.69 -18.75 -12.98
N GLY A 182 7.41 -18.55 -14.08
CA GLY A 182 7.62 -17.20 -14.58
C GLY A 182 6.33 -16.56 -15.07
N ASP A 183 5.47 -17.36 -15.70
CA ASP A 183 4.18 -16.83 -16.16
C ASP A 183 3.27 -16.52 -14.99
N TYR A 184 3.42 -17.25 -13.88
CA TYR A 184 2.64 -16.96 -12.68
C TYR A 184 2.93 -15.57 -12.16
N TRP A 185 4.21 -15.17 -12.15
CA TRP A 185 4.57 -13.84 -11.68
C TRP A 185 4.00 -12.76 -12.57
N ARG A 186 3.98 -13.01 -13.89
CA ARG A 186 3.47 -12.05 -14.85
C ARG A 186 1.95 -11.91 -14.80
N GLY A 187 1.29 -12.59 -13.87
CA GLY A 187 -0.14 -12.52 -13.75
C GLY A 187 -0.68 -11.30 -13.05
N ASP A 188 0.18 -10.51 -12.42
CA ASP A 188 -0.26 -9.28 -11.79
C ASP A 188 -0.60 -8.20 -12.79
N TYR A 189 -0.14 -8.34 -14.03
CA TYR A 189 -0.37 -7.38 -15.09
C TYR A 189 -1.42 -7.83 -16.08
N GLU A 190 -2.09 -8.96 -15.83
CA GLU A 190 -3.04 -9.49 -16.79
C GLU A 190 -4.39 -8.81 -16.64
N VAL A 191 -4.94 -8.32 -17.73
CA VAL A 191 -6.29 -7.77 -17.78
C VAL A 191 -7.04 -8.50 -18.88
N ASN A 192 -8.13 -9.16 -18.53
CA ASN A 192 -8.97 -9.86 -19.48
C ASN A 192 -10.38 -9.31 -19.39
N GLY A 193 -11.03 -9.13 -20.53
CA GLY A 193 -12.37 -8.58 -20.51
C GLY A 193 -12.53 -7.30 -21.30
N VAL A 194 -12.68 -6.18 -20.59
CA VAL A 194 -13.06 -4.89 -21.16
C VAL A 194 -12.27 -4.56 -22.43
N ASP A 195 -12.98 -4.28 -23.51
CA ASP A 195 -12.38 -4.15 -24.83
C ASP A 195 -11.50 -2.90 -24.89
N GLY A 196 -10.40 -3.01 -25.64
CA GLY A 196 -9.41 -1.95 -25.75
C GLY A 196 -8.41 -1.95 -24.62
N TYR A 197 -8.88 -2.10 -23.39
CA TYR A 197 -8.03 -2.11 -22.20
C TYR A 197 -7.61 -3.52 -21.81
N ASP A 198 -7.07 -4.30 -22.75
CA ASP A 198 -6.62 -5.66 -22.47
C ASP A 198 -5.10 -5.73 -22.47
N TYR A 199 -4.56 -6.54 -21.57
CA TYR A 199 -3.13 -6.76 -21.48
C TYR A 199 -2.88 -8.24 -21.28
N SER A 200 -2.02 -8.82 -22.11
CA SER A 200 -1.69 -10.23 -22.03
C SER A 200 -0.41 -10.42 -21.21
N ARG A 201 -0.25 -11.64 -20.71
CA ARG A 201 0.90 -11.95 -19.87
C ARG A 201 2.19 -12.02 -20.66
N GLY A 202 2.12 -12.27 -21.96
CA GLY A 202 3.31 -12.30 -22.78
C GLY A 202 3.72 -10.97 -23.36
N GLN A 203 2.84 -9.97 -23.30
CA GLN A 203 3.16 -8.65 -23.81
C GLN A 203 4.13 -7.90 -22.90
N LEU A 204 4.26 -8.32 -21.65
CA LEU A 204 5.14 -7.62 -20.72
C LEU A 204 6.59 -7.73 -21.15
N ILE A 205 6.99 -8.89 -21.67
CA ILE A 205 8.37 -9.07 -22.11
C ILE A 205 8.67 -8.12 -23.27
N GLU A 206 7.77 -8.05 -24.23
CA GLU A 206 7.97 -7.16 -25.37
C GLU A 206 8.00 -5.70 -24.93
N ASP A 207 7.11 -5.32 -24.01
CA ASP A 207 7.12 -3.93 -23.53
C ASP A 207 8.41 -3.60 -22.79
N VAL A 208 8.89 -4.51 -21.95
CA VAL A 208 10.13 -4.26 -21.23
C VAL A 208 11.31 -4.15 -22.20
N GLU A 209 11.36 -5.04 -23.19
CA GLU A 209 12.46 -4.98 -24.15
C GLU A 209 12.42 -3.69 -24.96
N HIS A 210 11.23 -3.29 -25.41
CA HIS A 210 11.11 -2.05 -26.19
C HIS A 210 11.50 -0.84 -25.36
N THR A 211 11.10 -0.81 -24.09
CA THR A 211 11.46 0.32 -23.24
C THR A 211 12.95 0.34 -22.94
N PHE A 212 13.57 -0.84 -22.81
CA PHE A 212 15.00 -0.87 -22.51
C PHE A 212 15.84 -0.55 -23.74
N GLU A 213 15.32 -0.78 -24.93
CA GLU A 213 16.07 -0.44 -26.13
C GLU A 213 16.27 1.05 -26.31
N GLU A 214 15.57 1.88 -25.54
CA GLU A 214 15.69 3.33 -25.64
C GLU A 214 16.56 3.93 -24.54
N ILE A 215 16.67 3.28 -23.38
CA ILE A 215 17.51 3.79 -22.31
C ILE A 215 19.00 3.55 -22.56
N LYS A 216 19.34 2.74 -23.56
CA LYS A 216 20.74 2.38 -23.78
C LYS A 216 21.69 3.54 -24.03
N PRO A 217 21.35 4.58 -24.81
CA PRO A 217 22.32 5.68 -24.98
C PRO A 217 22.70 6.40 -23.71
N LEU A 218 21.73 6.80 -22.89
CA LEU A 218 22.04 7.49 -21.64
C LEU A 218 22.84 6.60 -20.70
N TYR A 219 22.49 5.31 -20.62
CA TYR A 219 23.24 4.40 -19.78
C TYR A 219 24.66 4.23 -20.30
N GLU A 220 24.84 4.18 -21.61
CA GLU A 220 26.18 4.06 -22.17
C GLU A 220 27.03 5.27 -21.81
N HIS A 221 26.46 6.46 -21.90
CA HIS A 221 27.24 7.66 -21.60
C HIS A 221 27.59 7.72 -20.11
N LEU A 222 26.63 7.35 -19.25
CA LEU A 222 26.92 7.28 -17.83
C LEU A 222 28.00 6.25 -17.52
N HIS A 223 27.95 5.09 -18.17
CA HIS A 223 28.93 4.04 -17.97
C HIS A 223 30.32 4.50 -18.41
N ALA A 224 30.41 5.18 -19.55
CA ALA A 224 31.69 5.69 -20.01
C ALA A 224 32.24 6.73 -19.05
N TYR A 225 31.38 7.62 -18.54
CA TYR A 225 31.84 8.63 -17.60
C TYR A 225 32.36 7.99 -16.31
N VAL A 226 31.62 7.02 -15.77
CA VAL A 226 32.04 6.38 -14.52
C VAL A 226 33.33 5.60 -14.75
N ARG A 227 33.47 4.98 -15.92
CA ARG A 227 34.70 4.26 -16.23
C ARG A 227 35.89 5.21 -16.29
N ALA A 228 35.69 6.39 -16.90
CA ALA A 228 36.77 7.37 -16.94
C ALA A 228 37.12 7.86 -15.54
N LYS A 229 36.13 8.02 -14.68
CA LYS A 229 36.39 8.50 -13.34
C LYS A 229 36.87 7.41 -12.39
N LEU A 230 36.84 6.16 -12.80
CA LEU A 230 37.32 5.08 -11.95
C LEU A 230 38.76 4.69 -12.23
N MET A 231 39.30 5.05 -13.40
CA MET A 231 40.71 4.78 -13.67
C MET A 231 41.64 5.63 -12.83
N ASN A 232 41.17 6.76 -12.31
CA ASN A 232 42.00 7.61 -11.48
C ASN A 232 42.12 7.14 -10.04
N ALA A 233 41.25 6.22 -9.61
CA ALA A 233 41.34 5.66 -8.27
C ALA A 233 42.02 4.30 -8.24
N TYR A 234 41.91 3.53 -9.32
CA TYR A 234 42.60 2.25 -9.49
C TYR A 234 43.37 2.33 -10.80
N PRO A 235 44.59 2.85 -10.77
CA PRO A 235 45.27 3.23 -12.03
C PRO A 235 45.48 2.09 -13.00
N SER A 236 45.84 0.90 -12.54
CA SER A 236 46.23 -0.19 -13.43
C SER A 236 45.34 -1.42 -13.29
N TYR A 237 44.02 -1.22 -13.22
CA TYR A 237 43.10 -2.33 -13.11
C TYR A 237 41.89 -2.21 -14.03
N ILE A 238 41.69 -1.07 -14.69
CA ILE A 238 40.51 -0.83 -15.51
C ILE A 238 40.97 -0.45 -16.91
N SER A 239 40.41 -1.11 -17.92
CA SER A 239 40.72 -0.91 -19.32
C SER A 239 39.89 0.22 -19.90
N PRO A 240 40.50 1.11 -20.68
CA PRO A 240 39.77 2.24 -21.26
C PRO A 240 38.80 1.85 -22.37
N ILE A 241 38.75 0.59 -22.77
CA ILE A 241 37.79 0.14 -23.79
C ILE A 241 37.06 -1.09 -23.29
N GLY A 242 37.16 -1.36 -22.00
CA GLY A 242 36.58 -2.57 -21.43
C GLY A 242 35.38 -2.36 -20.54
N CYS A 243 35.12 -3.32 -19.66
CA CYS A 243 33.96 -3.31 -18.79
C CYS A 243 34.40 -3.16 -17.34
N LEU A 244 33.51 -2.61 -16.53
CA LEU A 244 33.84 -2.34 -15.13
C LEU A 244 33.85 -3.63 -14.34
N PRO A 245 34.88 -3.88 -13.52
CA PRO A 245 34.86 -5.05 -12.66
C PRO A 245 33.68 -5.02 -11.69
N ALA A 246 33.18 -6.20 -11.36
CA ALA A 246 31.92 -6.30 -10.64
C ALA A 246 32.01 -5.90 -9.18
N HIS A 247 33.21 -5.75 -8.62
CA HIS A 247 33.37 -5.49 -7.20
C HIS A 247 33.72 -4.04 -6.89
N LEU A 248 33.65 -3.16 -7.88
CA LEU A 248 34.03 -1.77 -7.73
C LEU A 248 32.85 -0.85 -8.01
N LEU A 249 31.65 -1.30 -7.67
CA LEU A 249 30.43 -0.55 -7.94
C LEU A 249 29.71 -0.09 -6.69
N GLY A 250 30.37 -0.09 -5.54
CA GLY A 250 29.80 0.48 -4.33
C GLY A 250 28.82 -0.39 -3.59
N ASP A 251 28.59 -1.62 -4.05
CA ASP A 251 27.67 -2.52 -3.37
C ASP A 251 28.11 -3.95 -3.70
N MET A 252 27.61 -4.89 -2.89
CA MET A 252 28.02 -6.28 -3.06
C MET A 252 27.58 -6.83 -4.41
N TRP A 253 26.36 -6.49 -4.85
CA TRP A 253 25.84 -7.02 -6.10
C TRP A 253 25.85 -6.02 -7.24
N GLY A 254 26.10 -4.75 -6.98
CA GLY A 254 26.03 -3.74 -8.02
C GLY A 254 24.64 -3.23 -8.30
N ARG A 255 23.71 -3.38 -7.36
CA ARG A 255 22.33 -2.94 -7.59
C ARG A 255 22.25 -1.43 -7.74
N PHE A 256 22.94 -0.69 -6.88
CA PHE A 256 22.94 0.76 -6.90
C PHE A 256 24.36 1.28 -7.00
N TRP A 257 24.52 2.41 -7.66
CA TRP A 257 25.81 3.07 -7.81
C TRP A 257 25.91 4.33 -6.97
N THR A 258 25.12 4.42 -5.89
CA THR A 258 25.08 5.64 -5.10
C THR A 258 26.43 5.93 -4.45
N ASN A 259 27.09 4.89 -3.95
CA ASN A 259 28.33 5.08 -3.21
C ASN A 259 29.51 5.45 -4.09
N LEU A 260 29.29 5.75 -5.36
CA LEU A 260 30.34 6.24 -6.24
C LEU A 260 30.30 7.74 -6.42
N TYR A 261 29.47 8.46 -5.65
CA TYR A 261 29.36 9.89 -5.83
C TYR A 261 30.61 10.61 -5.38
N SER A 262 31.31 10.08 -4.38
CA SER A 262 32.53 10.72 -3.92
C SER A 262 33.60 10.70 -5.00
N LEU A 263 33.70 9.61 -5.76
CA LEU A 263 34.72 9.47 -6.79
C LEU A 263 34.31 10.09 -8.12
N THR A 264 33.01 10.31 -8.35
CA THR A 264 32.52 10.75 -9.65
C THR A 264 31.77 12.07 -9.58
N VAL A 265 32.06 12.89 -8.59
CA VAL A 265 31.38 14.19 -8.47
C VAL A 265 31.88 15.12 -9.56
N PRO A 266 31.00 15.82 -10.26
CA PRO A 266 31.44 16.74 -11.32
C PRO A 266 32.23 17.93 -10.81
N PHE A 267 31.65 18.69 -9.88
CA PHE A 267 32.24 19.91 -9.35
C PHE A 267 32.35 19.78 -7.84
N GLY A 268 33.55 19.48 -7.35
CA GLY A 268 33.74 19.18 -5.94
C GLY A 268 33.78 20.39 -5.03
N GLN A 269 34.05 21.57 -5.57
CA GLN A 269 34.14 22.76 -4.73
C GLN A 269 32.77 23.21 -4.23
N LYS A 270 31.75 23.08 -5.06
CA LYS A 270 30.40 23.48 -4.67
C LYS A 270 29.69 22.34 -3.96
N PRO A 271 29.19 22.55 -2.75
CA PRO A 271 28.53 21.46 -2.03
C PRO A 271 27.06 21.34 -2.42
N ASN A 272 26.46 20.24 -1.99
CA ASN A 272 25.05 20.00 -2.25
C ASN A 272 24.22 20.83 -1.28
N ILE A 273 22.90 20.75 -1.41
CA ILE A 273 21.97 21.50 -0.57
C ILE A 273 21.56 20.61 0.59
N ASP A 274 21.92 21.02 1.81
CA ASP A 274 21.56 20.31 3.03
C ASP A 274 20.93 21.31 3.98
N VAL A 275 19.75 20.99 4.49
CA VAL A 275 19.01 21.90 5.36
C VAL A 275 18.97 21.34 6.77
N THR A 276 19.87 20.41 7.07
CA THR A 276 19.91 19.83 8.41
C THR A 276 20.24 20.89 9.47
N ASP A 277 21.24 21.72 9.20
CA ASP A 277 21.62 22.75 10.17
C ASP A 277 20.59 23.85 10.24
N ALA A 278 19.89 24.13 9.14
CA ALA A 278 18.82 25.11 9.18
C ALA A 278 17.67 24.66 10.06
N MET A 279 17.30 23.39 9.99
CA MET A 279 16.20 22.88 10.81
C MET A 279 16.52 22.96 12.29
N VAL A 280 17.74 22.59 12.68
CA VAL A 280 18.13 22.64 14.09
C VAL A 280 18.18 24.06 14.63
N ASP A 281 18.71 25.01 13.86
CA ASP A 281 18.77 26.40 14.28
C ASP A 281 17.41 27.09 14.30
N GLN A 282 16.37 26.46 13.76
CA GLN A 282 15.01 26.97 13.88
C GLN A 282 14.18 26.20 14.90
N ALA A 283 14.80 25.27 15.63
CA ALA A 283 14.12 24.48 16.67
C ALA A 283 12.92 23.71 16.11
N TRP A 284 13.23 22.76 15.24
CA TRP A 284 12.21 21.89 14.65
C TRP A 284 12.18 20.56 15.37
N ASP A 285 11.01 19.94 15.40
CA ASP A 285 10.81 18.61 15.94
C ASP A 285 10.14 17.72 14.89
N ALA A 286 9.82 16.49 15.28
CA ALA A 286 9.14 15.58 14.36
C ALA A 286 7.74 16.09 14.03
N GLN A 287 7.04 16.63 15.03
CA GLN A 287 5.69 17.13 14.80
C GLN A 287 5.67 18.22 13.75
N ARG A 288 6.64 19.13 13.81
CA ARG A 288 6.71 20.19 12.82
C ARG A 288 6.89 19.64 11.41
N ILE A 289 7.73 18.62 11.26
CA ILE A 289 7.95 17.99 9.97
C ILE A 289 6.65 17.41 9.43
N PHE A 290 5.93 16.70 10.29
CA PHE A 290 4.72 16.05 9.81
C PHE A 290 3.60 17.05 9.50
N LYS A 291 3.49 18.12 10.29
CA LYS A 291 2.51 19.15 9.94
C LYS A 291 2.88 19.86 8.65
N GLU A 292 4.17 20.06 8.40
CA GLU A 292 4.57 20.65 7.12
C GLU A 292 4.20 19.75 5.95
N ALA A 293 4.42 18.44 6.10
CA ALA A 293 4.03 17.52 5.03
C ALA A 293 2.51 17.55 4.81
N GLU A 294 1.73 17.55 5.90
CA GLU A 294 0.29 17.62 5.78
C GLU A 294 -0.15 18.91 5.10
N LYS A 295 0.49 20.03 5.43
CA LYS A 295 0.16 21.30 4.79
C LYS A 295 0.50 21.25 3.31
N PHE A 296 1.56 20.54 2.95
CA PHE A 296 1.88 20.36 1.54
C PHE A 296 0.76 19.61 0.83
N PHE A 297 0.23 18.58 1.46
CA PHE A 297 -0.79 17.78 0.78
C PHE A 297 -2.13 18.51 0.67
N VAL A 298 -2.45 19.38 1.63
CA VAL A 298 -3.73 20.07 1.58
C VAL A 298 -3.78 21.09 0.45
N SER A 299 -2.63 21.69 0.10
CA SER A 299 -2.60 22.69 -0.96
C SER A 299 -3.06 22.12 -2.29
N VAL A 300 -2.73 20.86 -2.59
CA VAL A 300 -3.13 20.26 -3.85
C VAL A 300 -4.56 19.73 -3.83
N GLY A 301 -5.27 19.88 -2.71
CA GLY A 301 -6.67 19.52 -2.62
C GLY A 301 -6.96 18.25 -1.85
N LEU A 302 -5.95 17.46 -1.52
CA LEU A 302 -6.16 16.23 -0.78
C LEU A 302 -6.57 16.55 0.66
N PRO A 303 -7.28 15.64 1.32
CA PRO A 303 -7.82 15.94 2.65
C PRO A 303 -6.78 15.95 3.76
N ASN A 304 -7.24 16.25 4.97
CA ASN A 304 -6.40 16.30 6.16
C ASN A 304 -6.08 14.88 6.63
N MET A 305 -5.44 14.78 7.78
CA MET A 305 -5.21 13.50 8.44
C MET A 305 -6.21 13.32 9.58
N THR A 306 -6.55 12.08 9.86
CA THR A 306 -7.56 11.78 10.86
C THR A 306 -7.10 12.19 12.25
N GLN A 307 -8.07 12.48 13.12
CA GLN A 307 -7.74 12.81 14.50
C GLN A 307 -7.12 11.63 15.22
N GLY A 308 -7.41 10.40 14.78
CA GLY A 308 -6.76 9.24 15.34
C GLY A 308 -5.32 9.08 14.90
N PHE A 309 -4.94 9.74 13.79
CA PHE A 309 -3.56 9.65 13.32
C PHE A 309 -2.61 10.33 14.29
N TRP A 310 -3.00 11.48 14.83
CA TRP A 310 -2.13 12.25 15.72
C TRP A 310 -2.09 11.67 17.12
N GLU A 311 -2.92 10.69 17.44
CA GLU A 311 -2.98 10.12 18.77
C GLU A 311 -2.45 8.69 18.85
N ASN A 312 -2.70 7.86 17.84
CA ASN A 312 -2.33 6.45 17.88
C ASN A 312 -1.06 6.14 17.10
N SER A 313 -0.32 7.16 16.65
CA SER A 313 0.86 6.94 15.83
C SER A 313 2.12 7.23 16.63
N MET A 314 3.16 6.47 16.32
CA MET A 314 4.49 6.68 16.90
C MET A 314 5.34 7.47 15.92
N LEU A 315 5.83 8.63 16.36
CA LEU A 315 6.67 9.48 15.55
C LEU A 315 8.02 9.76 16.16
N THR A 316 8.30 9.25 17.36
CA THR A 316 9.59 9.43 18.01
C THR A 316 10.04 8.11 18.60
N ASP A 317 11.35 7.97 18.76
CA ASP A 317 11.91 6.77 19.37
C ASP A 317 11.54 6.73 20.85
N PRO A 318 10.89 5.67 21.32
CA PRO A 318 10.49 5.63 22.75
C PRO A 318 11.66 5.72 23.70
N GLY A 319 12.80 5.12 23.37
CA GLY A 319 13.94 5.15 24.26
C GLY A 319 14.30 3.79 24.82
N ASN A 320 14.89 3.76 26.01
CA ASN A 320 15.31 2.50 26.62
C ASN A 320 14.13 1.75 27.23
N VAL A 321 13.01 2.42 27.44
CA VAL A 321 11.85 1.77 28.05
C VAL A 321 11.33 0.65 27.15
N GLN A 322 11.26 0.91 25.86
CA GLN A 322 10.67 -0.01 24.89
C GLN A 322 11.70 -0.40 23.85
N LYS A 323 11.54 -1.60 23.31
CA LYS A 323 12.34 -2.06 22.17
C LYS A 323 11.41 -2.11 20.96
N ALA A 324 11.68 -1.26 19.98
CA ALA A 324 10.85 -1.14 18.79
C ALA A 324 11.65 -1.50 17.56
N VAL A 325 10.96 -1.62 16.43
CA VAL A 325 11.59 -1.86 15.13
C VAL A 325 11.57 -0.56 14.34
N CYS A 326 12.75 0.03 14.15
CA CYS A 326 12.86 1.34 13.51
C CYS A 326 12.96 1.16 11.99
N HIS A 327 11.79 0.93 11.39
CA HIS A 327 11.67 0.84 9.95
C HIS A 327 10.46 1.67 9.53
N PRO A 328 10.62 2.67 8.68
CA PRO A 328 9.48 3.52 8.31
C PRO A 328 8.42 2.74 7.56
N THR A 329 7.22 2.70 8.13
CA THR A 329 6.10 1.96 7.55
C THR A 329 4.84 2.80 7.61
N ALA A 330 3.93 2.55 6.68
CA ALA A 330 2.60 3.15 6.68
C ALA A 330 1.57 2.04 6.85
N TRP A 331 0.69 2.18 7.84
CA TRP A 331 -0.24 1.14 8.23
C TRP A 331 -1.66 1.53 7.86
N ASP A 332 -2.44 0.57 7.38
CA ASP A 332 -3.87 0.74 7.11
C ASP A 332 -4.52 -0.43 7.83
N LEU A 333 -4.85 -0.23 9.10
CA LEU A 333 -5.39 -1.31 9.93
C LEU A 333 -6.80 -1.68 9.56
N GLY A 334 -7.47 -0.89 8.73
CA GLY A 334 -8.86 -1.13 8.41
C GLY A 334 -9.80 -0.44 9.37
N LYS A 335 -11.03 -0.27 8.92
CA LYS A 335 -12.08 0.37 9.70
C LYS A 335 -11.69 1.78 10.13
N GLY A 336 -11.05 2.51 9.23
CA GLY A 336 -10.76 3.91 9.44
C GLY A 336 -9.53 4.23 10.28
N ASP A 337 -8.75 3.19 10.58
CA ASP A 337 -7.53 3.35 11.42
C ASP A 337 -6.31 3.51 10.52
N PHE A 338 -5.66 4.68 10.59
CA PHE A 338 -4.46 4.93 9.81
C PHE A 338 -3.36 5.42 10.74
N ARG A 339 -2.18 4.80 10.65
CA ARG A 339 -1.06 5.11 11.53
C ARG A 339 0.23 5.06 10.74
N ILE A 340 1.25 5.74 11.26
CA ILE A 340 2.60 5.71 10.71
C ILE A 340 3.57 5.38 11.82
N LEU A 341 4.46 4.41 11.57
CA LEU A 341 5.53 4.05 12.49
C LEU A 341 6.86 4.52 11.90
N MET A 342 7.51 5.43 12.60
CA MET A 342 8.76 6.00 12.10
C MET A 342 9.53 6.63 13.24
N CYS A 343 10.80 6.26 13.38
CA CYS A 343 11.68 6.84 14.40
C CYS A 343 12.31 8.10 13.82
N THR A 344 11.53 9.18 13.86
CA THR A 344 11.89 10.39 13.12
C THR A 344 13.08 11.10 13.77
N LYS A 345 14.00 11.56 12.93
CA LYS A 345 15.15 12.35 13.33
C LYS A 345 15.16 13.65 12.55
N VAL A 346 15.84 14.66 13.09
CA VAL A 346 15.96 15.92 12.38
C VAL A 346 17.05 15.80 11.31
N THR A 347 16.62 15.58 10.07
CA THR A 347 17.49 15.41 8.92
C THR A 347 16.62 15.57 7.68
N MET A 348 17.23 16.10 6.60
CA MET A 348 16.48 16.22 5.35
C MET A 348 15.97 14.88 4.86
N ASP A 349 16.70 13.80 5.14
CA ASP A 349 16.28 12.48 4.71
C ASP A 349 14.96 12.09 5.35
N ASP A 350 14.82 12.32 6.66
CA ASP A 350 13.55 12.05 7.32
C ASP A 350 12.47 13.01 6.85
N PHE A 351 12.86 14.24 6.50
CA PHE A 351 11.92 15.20 5.96
C PHE A 351 11.29 14.69 4.67
N LEU A 352 12.08 14.03 3.82
CA LEU A 352 11.55 13.46 2.60
C LEU A 352 10.78 12.16 2.85
N THR A 353 11.29 11.32 3.77
CA THR A 353 10.60 10.08 4.06
C THR A 353 9.22 10.31 4.66
N ALA A 354 9.06 11.42 5.38
CA ALA A 354 7.73 11.77 5.90
C ALA A 354 6.74 11.99 4.76
N HIS A 355 7.15 12.74 3.73
CA HIS A 355 6.30 12.94 2.57
C HIS A 355 5.99 11.62 1.89
N HIS A 356 7.00 10.76 1.77
CA HIS A 356 6.82 9.46 1.14
C HIS A 356 5.75 8.62 1.85
N GLU A 357 5.90 8.48 3.18
CA GLU A 357 4.96 7.67 3.93
C GLU A 357 3.57 8.30 3.95
N MET A 358 3.50 9.64 4.02
CA MET A 358 2.21 10.29 3.97
C MET A 358 1.52 10.08 2.63
N GLY A 359 2.29 9.99 1.54
CA GLY A 359 1.70 9.63 0.26
C GLY A 359 1.13 8.23 0.26
N HIS A 360 1.87 7.27 0.83
CA HIS A 360 1.30 5.94 1.03
C HIS A 360 -0.04 6.02 1.76
N ILE A 361 -0.09 6.80 2.85
CA ILE A 361 -1.30 6.83 3.67
C ILE A 361 -2.44 7.50 2.93
N GLN A 362 -2.15 8.53 2.13
CA GLN A 362 -3.20 9.17 1.35
C GLN A 362 -3.78 8.21 0.31
N TYR A 363 -2.91 7.47 -0.38
CA TYR A 363 -3.40 6.46 -1.31
C TYR A 363 -4.27 5.45 -0.59
N ASP A 364 -3.89 5.05 0.63
CA ASP A 364 -4.72 4.13 1.40
C ASP A 364 -6.07 4.74 1.73
N MET A 365 -6.08 6.00 2.13
CA MET A 365 -7.33 6.68 2.49
C MET A 365 -8.25 6.83 1.29
N ALA A 366 -7.69 6.89 0.08
CA ALA A 366 -8.51 7.15 -1.10
C ALA A 366 -9.49 6.01 -1.38
N TYR A 367 -9.02 4.76 -1.32
CA TYR A 367 -9.84 3.64 -1.78
C TYR A 367 -10.53 2.91 -0.63
N ALA A 368 -10.82 3.61 0.47
CA ALA A 368 -11.47 2.96 1.59
C ALA A 368 -12.89 2.52 1.28
N ALA A 369 -13.52 3.08 0.25
CA ALA A 369 -14.91 2.77 -0.04
C ALA A 369 -15.09 1.48 -0.83
N GLN A 370 -14.03 0.97 -1.45
CA GLN A 370 -14.15 -0.21 -2.28
C GLN A 370 -14.29 -1.45 -1.40
N PRO A 371 -14.77 -2.56 -1.98
CA PRO A 371 -14.81 -3.81 -1.21
C PRO A 371 -13.43 -4.24 -0.74
N PHE A 372 -13.41 -5.23 0.14
CA PHE A 372 -12.18 -5.61 0.83
C PHE A 372 -11.12 -6.13 -0.14
N LEU A 373 -11.53 -6.99 -1.07
CA LEU A 373 -10.55 -7.62 -1.96
C LEU A 373 -10.04 -6.70 -3.04
N LEU A 374 -10.62 -5.50 -3.18
CA LEU A 374 -10.17 -4.52 -4.16
C LEU A 374 -9.51 -3.31 -3.51
N ARG A 375 -9.02 -3.47 -2.28
CA ARG A 375 -8.35 -2.39 -1.56
C ARG A 375 -6.84 -2.56 -1.68
N ASN A 376 -6.35 -2.40 -2.90
CA ASN A 376 -4.91 -2.35 -3.18
C ASN A 376 -4.70 -1.39 -4.35
N GLY A 377 -3.44 -1.21 -4.72
CA GLY A 377 -3.13 -0.38 -5.87
C GLY A 377 -3.49 -1.06 -7.18
N ALA A 378 -3.38 -0.30 -8.27
CA ALA A 378 -3.76 -0.82 -9.57
C ALA A 378 -2.93 -2.03 -9.94
N ASN A 379 -1.62 -1.97 -9.72
CA ASN A 379 -0.76 -3.15 -9.78
C ASN A 379 0.37 -3.00 -8.78
N GLU A 380 1.36 -3.88 -8.84
CA GLU A 380 2.38 -3.92 -7.80
C GLU A 380 3.31 -2.72 -7.82
N GLY A 381 3.28 -1.91 -8.86
CA GLY A 381 4.17 -0.76 -8.96
C GLY A 381 3.53 0.59 -8.79
N PHE A 382 2.21 0.69 -8.80
CA PHE A 382 1.53 1.96 -8.65
C PHE A 382 1.71 2.58 -7.28
N HIS A 383 1.73 1.76 -6.23
CA HIS A 383 1.66 2.29 -4.87
C HIS A 383 2.85 3.17 -4.56
N GLU A 384 4.05 2.63 -4.74
CA GLU A 384 5.22 3.37 -4.27
C GLU A 384 5.73 4.31 -5.36
N ALA A 385 5.25 4.15 -6.58
CA ALA A 385 5.41 5.19 -7.58
C ALA A 385 4.63 6.44 -7.19
N VAL A 386 3.41 6.25 -6.67
CA VAL A 386 2.65 7.38 -6.13
C VAL A 386 3.37 7.96 -4.92
N GLY A 387 3.89 7.09 -4.05
CA GLY A 387 4.60 7.58 -2.88
C GLY A 387 5.84 8.37 -3.21
N GLU A 388 6.56 7.97 -4.27
CA GLU A 388 7.87 8.55 -4.53
C GLU A 388 7.77 9.97 -5.07
N ILE A 389 6.80 10.23 -5.95
CA ILE A 389 6.74 11.53 -6.62
C ILE A 389 6.52 12.67 -5.63
N MET A 390 5.96 12.40 -4.46
CA MET A 390 5.78 13.46 -3.48
C MET A 390 7.10 13.94 -2.92
N SER A 391 8.08 13.04 -2.80
CA SER A 391 9.41 13.44 -2.33
C SER A 391 10.17 14.27 -3.35
N LEU A 392 9.93 14.06 -4.65
CA LEU A 392 10.60 14.87 -5.67
C LEU A 392 10.23 16.34 -5.54
N SER A 393 8.95 16.63 -5.32
CA SER A 393 8.51 18.02 -5.20
C SER A 393 8.91 18.66 -3.88
N ALA A 394 9.21 17.85 -2.86
CA ALA A 394 9.56 18.39 -1.56
C ALA A 394 11.04 18.75 -1.43
N ALA A 395 11.88 18.35 -2.38
CA ALA A 395 13.31 18.61 -2.31
C ALA A 395 13.76 19.71 -3.26
N THR A 396 12.87 20.19 -4.13
CA THR A 396 13.25 21.23 -5.07
C THR A 396 13.51 22.54 -4.32
N PRO A 397 14.49 23.32 -4.78
CA PRO A 397 14.80 24.57 -4.06
C PRO A 397 13.65 25.57 -4.05
N LYS A 398 12.72 25.47 -4.98
CA LYS A 398 11.56 26.36 -4.95
C LYS A 398 10.70 26.09 -3.72
N HIS A 399 10.47 24.81 -3.40
CA HIS A 399 9.65 24.47 -2.25
C HIS A 399 10.34 24.84 -0.94
N LEU A 400 11.64 24.65 -0.86
CA LEU A 400 12.35 24.92 0.39
C LEU A 400 12.39 26.40 0.71
N LYS A 401 12.49 27.26 -0.31
CA LYS A 401 12.43 28.70 -0.07
C LYS A 401 11.06 29.15 0.41
N SER A 402 9.99 28.54 -0.08
CA SER A 402 8.65 28.89 0.35
C SER A 402 8.41 28.64 1.82
N ILE A 403 8.88 27.51 2.35
CA ILE A 403 8.70 27.18 3.76
C ILE A 403 9.74 27.84 4.64
N GLY A 404 10.72 28.52 4.06
CA GLY A 404 11.66 29.31 4.82
C GLY A 404 12.91 28.59 5.28
N LEU A 405 13.02 27.29 5.05
CA LEU A 405 14.20 26.55 5.48
C LEU A 405 15.46 26.93 4.72
N LEU A 406 15.33 27.67 3.62
CA LEU A 406 16.46 28.08 2.80
C LEU A 406 16.43 29.59 2.64
N SER A 407 17.62 30.18 2.57
CA SER A 407 17.74 31.63 2.55
C SER A 407 17.08 32.21 1.30
N PRO A 408 16.39 33.35 1.42
CA PRO A 408 15.70 33.91 0.25
C PRO A 408 16.61 34.60 -0.73
N ASP A 409 17.90 34.76 -0.42
CA ASP A 409 18.86 35.38 -1.33
C ASP A 409 19.76 34.35 -1.99
N PHE A 410 19.45 33.06 -1.86
CA PHE A 410 20.24 32.00 -2.46
C PHE A 410 19.87 31.87 -3.94
N GLN A 411 20.88 31.89 -4.80
CA GLN A 411 20.68 31.81 -6.24
C GLN A 411 21.06 30.41 -6.72
N GLU A 412 20.28 29.88 -7.66
CA GLU A 412 20.48 28.54 -8.17
C GLU A 412 21.43 28.59 -9.35
N ASP A 413 22.68 28.21 -9.13
CA ASP A 413 23.66 28.14 -10.20
C ASP A 413 23.44 26.89 -11.03
N ASN A 414 23.98 26.88 -12.24
CA ASN A 414 23.79 25.79 -13.18
C ASN A 414 24.81 24.68 -12.98
N GLU A 415 25.68 24.80 -11.99
CA GLU A 415 26.64 23.76 -11.66
C GLU A 415 26.15 22.82 -10.57
N THR A 416 25.27 23.28 -9.69
CA THR A 416 24.68 22.38 -8.71
C THR A 416 23.62 21.50 -9.36
N GLU A 417 23.00 21.98 -10.44
CA GLU A 417 21.97 21.19 -11.12
C GLU A 417 22.56 19.90 -11.68
N ILE A 418 23.76 19.97 -12.25
CA ILE A 418 24.43 18.77 -12.73
C ILE A 418 24.74 17.83 -11.59
N ASN A 419 25.16 18.37 -10.44
CA ASN A 419 25.40 17.53 -9.27
C ASN A 419 24.14 16.77 -8.87
N PHE A 420 23.03 17.48 -8.76
CA PHE A 420 21.77 16.85 -8.37
C PHE A 420 21.34 15.80 -9.38
N LEU A 421 21.46 16.11 -10.66
CA LEU A 421 21.02 15.19 -11.70
C LEU A 421 21.90 13.93 -11.73
N LEU A 422 23.21 14.10 -11.57
CA LEU A 422 24.09 12.94 -11.56
C LEU A 422 23.86 12.07 -10.32
N LYS A 423 23.63 12.71 -9.17
CA LYS A 423 23.33 11.93 -7.97
C LYS A 423 22.04 11.14 -8.15
N GLN A 424 21.03 11.74 -8.77
CA GLN A 424 19.80 11.01 -9.02
C GLN A 424 19.99 9.89 -10.05
N ALA A 425 20.82 10.14 -11.06
CA ALA A 425 21.03 9.13 -12.10
C ALA A 425 21.81 7.94 -11.58
N LEU A 426 22.73 8.17 -10.64
CA LEU A 426 23.51 7.07 -10.09
C LEU A 426 22.65 6.10 -9.30
N THR A 427 21.44 6.48 -8.92
CA THR A 427 20.52 5.62 -8.20
C THR A 427 19.36 5.14 -9.06
N ILE A 428 18.88 5.95 -9.99
CA ILE A 428 17.71 5.58 -10.77
C ILE A 428 18.10 4.93 -12.09
N VAL A 429 19.08 5.50 -12.79
CA VAL A 429 19.45 4.99 -14.10
C VAL A 429 20.37 3.78 -14.01
N GLY A 430 21.20 3.71 -12.97
CA GLY A 430 22.17 2.63 -12.87
C GLY A 430 21.62 1.30 -12.38
N THR A 431 20.33 1.22 -12.06
CA THR A 431 19.74 -0.02 -11.57
C THR A 431 18.78 -0.67 -12.56
N LEU A 432 18.32 0.06 -13.57
CA LEU A 432 17.41 -0.53 -14.56
C LEU A 432 18.04 -1.68 -15.33
N PRO A 433 19.27 -1.58 -15.86
CA PRO A 433 19.86 -2.74 -16.54
C PRO A 433 20.01 -3.94 -15.62
N PHE A 434 20.35 -3.73 -14.36
CA PHE A 434 20.48 -4.83 -13.42
C PHE A 434 19.14 -5.52 -13.20
N THR A 435 18.08 -4.72 -13.01
CA THR A 435 16.75 -5.28 -12.82
C THR A 435 16.31 -6.09 -14.04
N TYR A 436 16.48 -5.52 -15.22
CA TYR A 436 16.10 -6.21 -16.45
C TYR A 436 16.89 -7.50 -16.62
N MET A 437 18.19 -7.47 -16.35
CA MET A 437 19.01 -8.66 -16.47
C MET A 437 18.54 -9.76 -15.53
N LEU A 438 18.36 -9.44 -14.25
CA LEU A 438 18.00 -10.46 -13.29
C LEU A 438 16.64 -11.07 -13.63
N GLU A 439 15.68 -10.23 -13.98
CA GLU A 439 14.35 -10.77 -14.29
C GLU A 439 14.38 -11.62 -15.55
N LYS A 440 15.16 -11.21 -16.55
CA LYS A 440 15.27 -12.01 -17.76
C LYS A 440 15.91 -13.36 -17.47
N TRP A 441 16.96 -13.38 -16.65
CA TRP A 441 17.62 -14.63 -16.31
C TRP A 441 16.66 -15.56 -15.58
N ARG A 442 15.93 -15.04 -14.59
CA ARG A 442 14.99 -15.88 -13.86
C ARG A 442 13.87 -16.39 -14.76
N TRP A 443 13.37 -15.54 -15.66
CA TRP A 443 12.33 -15.99 -16.58
C TRP A 443 12.83 -17.10 -17.48
N MET A 444 14.07 -16.98 -17.98
CA MET A 444 14.60 -18.00 -18.88
C MET A 444 14.91 -19.30 -18.14
N VAL A 445 15.31 -19.22 -16.87
CA VAL A 445 15.57 -20.44 -16.12
C VAL A 445 14.30 -21.25 -15.94
N PHE A 446 13.20 -20.59 -15.58
CA PHE A 446 11.95 -21.30 -15.32
C PHE A 446 11.41 -21.95 -16.59
N LYS A 447 11.49 -21.25 -17.71
CA LYS A 447 10.94 -21.78 -18.96
C LYS A 447 11.72 -23.00 -19.43
N GLY A 448 13.03 -23.01 -19.23
CA GLY A 448 13.84 -24.14 -19.61
C GLY A 448 14.84 -23.84 -20.71
N GLU A 449 14.93 -22.58 -21.09
CA GLU A 449 15.88 -22.19 -22.14
C GLU A 449 17.33 -22.35 -21.71
N ILE A 450 17.65 -22.06 -20.45
CA ILE A 450 18.98 -22.23 -19.91
C ILE A 450 19.06 -23.63 -19.30
N PRO A 451 19.85 -24.55 -19.86
CA PRO A 451 19.96 -25.88 -19.26
C PRO A 451 20.55 -25.82 -17.87
N LYS A 452 20.37 -26.92 -17.12
CA LYS A 452 20.78 -26.96 -15.73
C LYS A 452 22.28 -26.79 -15.54
N ASP A 453 23.07 -27.10 -16.56
CA ASP A 453 24.53 -27.05 -16.46
C ASP A 453 25.14 -25.83 -17.13
N GLN A 454 24.35 -24.81 -17.46
CA GLN A 454 24.87 -23.56 -18.04
C GLN A 454 24.24 -22.36 -17.35
N TRP A 455 24.08 -22.42 -16.03
CA TRP A 455 23.46 -21.32 -15.31
C TRP A 455 24.43 -20.15 -15.18
N MET A 456 25.59 -20.39 -14.55
CA MET A 456 26.53 -19.31 -14.33
C MET A 456 27.12 -18.80 -15.64
N LYS A 457 27.29 -19.69 -16.62
CA LYS A 457 27.81 -19.27 -17.91
C LYS A 457 26.92 -18.21 -18.54
N LYS A 458 25.62 -18.48 -18.63
CA LYS A 458 24.71 -17.51 -19.22
C LYS A 458 24.53 -16.30 -18.31
N TRP A 459 24.65 -16.50 -17.00
CA TRP A 459 24.54 -15.36 -16.09
C TRP A 459 25.64 -14.36 -16.35
N TRP A 460 26.87 -14.83 -16.53
CA TRP A 460 27.99 -13.93 -16.76
C TRP A 460 28.10 -13.50 -18.21
N GLU A 461 27.49 -14.22 -19.15
CA GLU A 461 27.42 -13.73 -20.52
C GLU A 461 26.39 -12.63 -20.66
N MET A 462 25.33 -12.67 -19.85
CA MET A 462 24.33 -11.61 -19.91
C MET A 462 24.81 -10.34 -19.24
N LYS A 463 25.68 -10.46 -18.23
CA LYS A 463 26.18 -9.27 -17.56
C LYS A 463 27.18 -8.50 -18.43
N ARG A 464 28.00 -9.19 -19.20
CA ARG A 464 28.91 -8.51 -20.10
C ARG A 464 28.20 -7.90 -21.30
N GLU A 465 26.93 -8.23 -21.52
CA GLU A 465 26.20 -7.76 -22.69
C GLU A 465 25.13 -6.72 -22.37
N ILE A 466 24.52 -6.77 -21.19
CA ILE A 466 23.47 -5.84 -20.80
C ILE A 466 23.98 -4.82 -19.79
N VAL A 467 24.39 -5.30 -18.62
CA VAL A 467 24.83 -4.38 -17.57
C VAL A 467 26.18 -3.74 -17.90
N GLY A 468 27.13 -4.52 -18.38
CA GLY A 468 28.45 -3.99 -18.68
C GLY A 468 29.49 -4.23 -17.62
N VAL A 469 29.34 -5.31 -16.85
CA VAL A 469 30.25 -5.61 -15.74
C VAL A 469 30.80 -7.02 -15.93
N VAL A 470 32.08 -7.18 -15.65
CA VAL A 470 32.77 -8.44 -15.84
C VAL A 470 33.20 -8.98 -14.49
N GLU A 471 33.33 -10.30 -14.40
CA GLU A 471 33.72 -10.93 -13.16
C GLU A 471 35.21 -10.75 -12.92
N PRO A 472 35.62 -10.62 -11.67
CA PRO A 472 37.04 -10.47 -11.38
C PRO A 472 37.80 -11.79 -11.39
N VAL A 473 37.15 -12.86 -10.94
CA VAL A 473 37.75 -14.19 -10.94
C VAL A 473 36.78 -15.16 -11.62
N PRO A 474 37.25 -16.23 -12.23
CA PRO A 474 36.33 -17.13 -12.94
C PRO A 474 35.41 -17.88 -11.99
N HIS A 475 34.22 -18.21 -12.48
CA HIS A 475 33.23 -18.97 -11.75
C HIS A 475 32.71 -20.10 -12.63
N ASP A 476 32.38 -21.22 -12.00
CA ASP A 476 31.94 -22.42 -12.70
C ASP A 476 30.59 -22.86 -12.14
N GLU A 477 30.16 -24.07 -12.53
CA GLU A 477 28.83 -24.55 -12.24
C GLU A 477 28.60 -24.89 -10.77
N THR A 478 29.64 -24.90 -9.95
CA THR A 478 29.48 -25.13 -8.53
C THR A 478 28.98 -23.90 -7.78
N TYR A 479 28.89 -22.75 -8.46
CA TYR A 479 28.48 -21.50 -7.83
C TYR A 479 27.02 -21.21 -8.13
N CYS A 480 26.39 -20.44 -7.24
CA CYS A 480 25.06 -19.87 -7.47
C CYS A 480 25.12 -18.38 -7.13
N ASP A 481 25.55 -17.58 -8.10
CA ASP A 481 25.64 -16.14 -7.89
C ASP A 481 24.28 -15.47 -7.70
N PRO A 482 23.25 -15.71 -8.52
CA PRO A 482 21.98 -15.01 -8.30
C PRO A 482 21.35 -15.28 -6.95
N ALA A 483 21.54 -16.47 -6.39
CA ALA A 483 20.97 -16.77 -5.08
C ALA A 483 21.60 -15.94 -3.96
N SER A 484 22.72 -15.28 -4.22
CA SER A 484 23.35 -14.44 -3.21
C SER A 484 22.55 -13.19 -2.90
N LEU A 485 21.54 -12.87 -3.70
CA LEU A 485 20.74 -11.68 -3.48
C LEU A 485 19.50 -12.02 -2.65
N PHE A 486 19.03 -11.04 -1.88
CA PHE A 486 17.91 -11.27 -0.97
C PHE A 486 16.64 -11.65 -1.71
N HIS A 487 16.36 -10.97 -2.82
CA HIS A 487 15.10 -11.18 -3.54
C HIS A 487 15.06 -12.47 -4.33
N VAL A 488 16.15 -13.20 -4.42
CA VAL A 488 16.21 -14.46 -5.17
C VAL A 488 16.14 -15.65 -4.23
N SER A 489 16.93 -15.63 -3.15
CA SER A 489 16.83 -16.68 -2.15
C SER A 489 15.45 -16.69 -1.51
N ASN A 490 14.92 -15.52 -1.19
CA ASN A 490 13.53 -15.38 -0.78
C ASN A 490 12.68 -15.15 -2.02
N ASP A 491 11.58 -15.87 -2.12
CA ASP A 491 10.78 -15.88 -3.34
C ASP A 491 10.10 -14.52 -3.49
N TYR A 492 10.69 -13.64 -4.31
CA TYR A 492 10.16 -12.30 -4.50
C TYR A 492 10.25 -11.91 -5.96
N SER A 493 9.28 -11.13 -6.42
CA SER A 493 9.30 -10.55 -7.74
C SER A 493 10.25 -9.36 -7.79
N PHE A 494 10.68 -9.00 -8.99
CA PHE A 494 11.69 -7.97 -9.12
C PHE A 494 11.38 -6.95 -10.21
N ILE A 495 10.39 -7.19 -11.07
CA ILE A 495 10.08 -6.25 -12.15
C ILE A 495 9.32 -5.04 -11.65
N ARG A 496 8.83 -5.09 -10.40
CA ARG A 496 8.07 -3.97 -9.86
C ARG A 496 8.92 -2.71 -9.79
N TYR A 497 10.21 -2.85 -9.50
CA TYR A 497 11.09 -1.68 -9.45
C TYR A 497 11.21 -1.02 -10.81
N TYR A 498 11.38 -1.81 -11.87
CA TYR A 498 11.44 -1.29 -13.23
C TYR A 498 10.17 -0.54 -13.57
N THR A 499 9.02 -1.18 -13.33
CA THR A 499 7.75 -0.55 -13.67
C THR A 499 7.52 0.73 -12.88
N ARG A 500 7.87 0.72 -11.59
CA ARG A 500 7.71 1.90 -10.75
C ARG A 500 8.57 3.05 -11.25
N THR A 501 9.81 2.75 -11.61
CA THR A 501 10.70 3.78 -12.11
C THR A 501 10.14 4.42 -13.37
N LEU A 502 9.58 3.62 -14.26
CA LEU A 502 9.03 4.22 -15.48
C LEU A 502 7.70 4.94 -15.21
N TYR A 503 6.93 4.52 -14.21
CA TYR A 503 5.64 5.13 -13.96
C TYR A 503 5.76 6.49 -13.28
N GLN A 504 6.73 6.64 -12.37
CA GLN A 504 6.79 7.84 -11.55
C GLN A 504 7.02 9.08 -12.41
N PHE A 505 7.87 8.98 -13.43
CA PHE A 505 8.16 10.15 -14.25
C PHE A 505 7.01 10.49 -15.19
N GLN A 506 6.27 9.49 -15.66
CA GLN A 506 5.04 9.76 -16.39
C GLN A 506 4.07 10.55 -15.53
N PHE A 507 3.86 10.10 -14.29
CA PHE A 507 2.96 10.82 -13.38
C PHE A 507 3.44 12.25 -13.15
N GLN A 508 4.75 12.41 -12.93
CA GLN A 508 5.29 13.72 -12.64
C GLN A 508 5.13 14.67 -13.83
N GLU A 509 5.37 14.18 -15.04
CA GLU A 509 5.19 15.02 -16.21
C GLU A 509 3.74 15.41 -16.39
N ALA A 510 2.81 14.49 -16.16
CA ALA A 510 1.40 14.84 -16.27
C ALA A 510 1.02 15.94 -15.27
N LEU A 511 1.46 15.78 -14.02
CA LEU A 511 1.11 16.77 -13.00
C LEU A 511 1.79 18.11 -13.27
N CYS A 512 3.01 18.11 -13.80
CA CYS A 512 3.69 19.35 -14.12
C CYS A 512 3.06 20.06 -15.30
N GLN A 513 2.54 19.30 -16.28
CA GLN A 513 1.75 19.92 -17.33
C GLN A 513 0.47 20.52 -16.78
N ALA A 514 -0.19 19.82 -15.86
CA ALA A 514 -1.43 20.35 -15.27
C ALA A 514 -1.16 21.57 -14.39
N ALA A 515 0.04 21.70 -13.84
CA ALA A 515 0.37 22.80 -12.95
C ALA A 515 0.95 24.00 -13.67
N LYS A 516 0.97 23.99 -15.00
CA LYS A 516 1.44 25.12 -15.81
C LYS A 516 2.86 25.52 -15.46
N HIS A 517 3.72 24.53 -15.26
CA HIS A 517 5.12 24.78 -14.98
C HIS A 517 5.91 24.89 -16.28
N GLU A 518 6.63 26.00 -16.42
CA GLU A 518 7.42 26.27 -17.61
C GLU A 518 8.90 26.20 -17.24
N GLY A 519 9.66 25.40 -17.97
CA GLY A 519 11.07 25.22 -17.69
C GLY A 519 11.45 23.76 -17.60
N PRO A 520 12.64 23.49 -17.06
CA PRO A 520 13.07 22.10 -16.89
C PRO A 520 12.16 21.34 -15.93
N LEU A 521 12.05 20.04 -16.15
CA LEU A 521 11.09 19.24 -15.41
C LEU A 521 11.59 18.93 -14.01
N HIS A 522 12.89 19.04 -13.76
CA HIS A 522 13.44 18.67 -12.47
C HIS A 522 13.36 19.79 -11.44
N LYS A 523 12.85 20.96 -11.82
CA LYS A 523 12.62 22.06 -10.90
C LYS A 523 11.15 22.14 -10.50
N CYS A 524 10.37 21.12 -10.83
CA CYS A 524 8.92 21.17 -10.78
C CYS A 524 8.43 21.03 -9.34
N ASP A 525 7.36 21.75 -9.02
CA ASP A 525 6.67 21.61 -7.75
C ASP A 525 5.17 21.74 -8.03
N ILE A 526 4.40 20.77 -7.55
CA ILE A 526 2.96 20.75 -7.79
C ILE A 526 2.20 21.45 -6.67
N SER A 527 2.89 22.23 -5.85
CA SER A 527 2.24 22.92 -4.74
C SER A 527 1.27 23.98 -5.27
N ASN A 528 0.21 24.21 -4.51
CA ASN A 528 -0.79 25.23 -4.81
C ASN A 528 -1.41 25.04 -6.19
N SER A 529 -1.58 23.80 -6.61
CA SER A 529 -2.20 23.49 -7.90
C SER A 529 -3.35 22.53 -7.64
N THR A 530 -4.56 23.08 -7.55
CA THR A 530 -5.73 22.24 -7.25
C THR A 530 -6.08 21.35 -8.43
N GLU A 531 -5.81 21.80 -9.65
CA GLU A 531 -6.09 20.97 -10.81
C GLU A 531 -5.23 19.71 -10.83
N ALA A 532 -3.96 19.83 -10.43
CA ALA A 532 -3.05 18.69 -10.39
C ALA A 532 -3.38 17.72 -9.27
N GLY A 533 -4.26 18.08 -8.35
CA GLY A 533 -4.66 17.19 -7.29
C GLY A 533 -5.94 16.42 -7.61
N GLN A 534 -6.86 17.05 -8.33
CA GLN A 534 -8.05 16.34 -8.79
C GLN A 534 -7.68 15.24 -9.78
N LYS A 535 -6.72 15.51 -10.66
CA LYS A 535 -6.31 14.51 -11.64
C LYS A 535 -5.77 13.26 -10.97
N LEU A 536 -4.95 13.43 -9.94
CA LEU A 536 -4.40 12.28 -9.23
C LEU A 536 -5.49 11.55 -8.45
N PHE A 537 -6.37 12.29 -7.78
CA PHE A 537 -7.46 11.66 -7.04
C PHE A 537 -8.42 10.92 -7.96
N ASN A 538 -8.43 11.26 -9.25
CA ASN A 538 -9.25 10.52 -10.20
C ASN A 538 -8.72 9.11 -10.42
N MET A 539 -7.50 8.83 -9.97
CA MET A 539 -6.89 7.51 -10.07
C MET A 539 -6.74 6.83 -8.71
N LEU A 540 -6.49 7.61 -7.66
CA LEU A 540 -6.27 7.02 -6.35
C LEU A 540 -7.53 6.35 -5.79
N ARG A 541 -8.72 6.77 -6.21
CA ARG A 541 -9.94 6.27 -5.61
C ARG A 541 -10.43 4.97 -6.23
N LEU A 542 -9.78 4.48 -7.27
CA LEU A 542 -10.28 3.30 -7.96
C LEU A 542 -9.84 2.02 -7.28
N GLY A 543 -8.57 1.92 -6.92
CA GLY A 543 -8.05 0.67 -6.40
C GLY A 543 -7.92 -0.34 -7.51
N LYS A 544 -8.30 -1.59 -7.23
CA LYS A 544 -8.27 -2.65 -8.22
C LYS A 544 -9.59 -2.82 -8.93
N SER A 545 -10.55 -1.93 -8.71
CA SER A 545 -11.87 -2.07 -9.30
C SER A 545 -11.86 -1.97 -10.82
N GLU A 546 -10.84 -1.34 -11.39
CA GLU A 546 -10.74 -1.15 -12.83
C GLU A 546 -9.34 -1.55 -13.28
N PRO A 547 -9.19 -1.93 -14.55
CA PRO A 547 -7.87 -2.34 -15.03
C PRO A 547 -6.85 -1.22 -14.93
N TRP A 548 -5.59 -1.60 -14.70
CA TRP A 548 -4.54 -0.61 -14.55
C TRP A 548 -4.27 0.15 -15.83
N THR A 549 -4.69 -0.38 -16.98
CA THR A 549 -4.54 0.35 -18.22
C THR A 549 -5.42 1.61 -18.23
N LEU A 550 -6.63 1.51 -17.65
CA LEU A 550 -7.51 2.67 -17.61
C LEU A 550 -7.05 3.68 -16.57
N ALA A 551 -6.58 3.19 -15.42
CA ALA A 551 -6.18 4.09 -14.34
C ALA A 551 -5.01 4.97 -14.77
N LEU A 552 -4.09 4.41 -15.56
CA LEU A 552 -2.99 5.21 -16.08
C LEU A 552 -3.49 6.30 -17.01
N GLU A 553 -4.49 5.98 -17.85
CA GLU A 553 -5.02 6.96 -18.79
C GLU A 553 -5.70 8.12 -18.07
N ASN A 554 -6.24 7.89 -16.88
CA ASN A 554 -6.85 8.97 -16.11
C ASN A 554 -5.82 9.98 -15.61
N VAL A 555 -4.54 9.67 -15.69
CA VAL A 555 -3.48 10.57 -15.26
C VAL A 555 -2.62 11.03 -16.44
N VAL A 556 -2.13 10.10 -17.24
CA VAL A 556 -1.12 10.43 -18.24
C VAL A 556 -1.69 10.65 -19.64
N GLY A 557 -2.84 10.09 -19.96
CA GLY A 557 -3.40 10.27 -21.29
C GLY A 557 -3.10 9.12 -22.24
N ALA A 558 -2.08 8.33 -21.93
CA ALA A 558 -1.77 7.13 -22.69
C ALA A 558 -2.13 5.88 -21.89
N LYS A 559 -2.12 4.73 -22.57
CA LYS A 559 -2.56 3.48 -21.98
C LYS A 559 -1.47 2.43 -21.93
N ASN A 560 -0.21 2.84 -21.86
CA ASN A 560 0.88 1.88 -21.82
C ASN A 560 2.11 2.52 -21.18
N MET A 561 3.02 1.67 -20.74
CA MET A 561 4.24 2.13 -20.10
C MET A 561 5.16 2.80 -21.12
N ASN A 562 5.66 3.98 -20.79
CA ASN A 562 6.43 4.80 -21.71
C ASN A 562 7.69 5.31 -21.03
N VAL A 563 8.70 5.62 -21.83
CA VAL A 563 10.02 5.96 -21.32
C VAL A 563 10.45 7.38 -21.65
N ARG A 564 9.82 8.03 -22.62
CA ARG A 564 10.21 9.39 -22.97
C ARG A 564 10.19 10.37 -21.80
N PRO A 565 9.21 10.34 -20.89
CA PRO A 565 9.30 11.25 -19.73
C PRO A 565 10.55 11.10 -18.90
N LEU A 566 11.08 9.88 -18.75
CA LEU A 566 12.32 9.70 -18.00
C LEU A 566 13.48 10.42 -18.69
N LEU A 567 13.53 10.35 -20.01
CA LEU A 567 14.59 11.01 -20.76
C LEU A 567 14.47 12.53 -20.72
N ASN A 568 13.26 13.07 -20.63
CA ASN A 568 13.11 14.52 -20.50
C ASN A 568 13.58 15.01 -19.14
N TYR A 569 13.60 14.15 -18.14
CA TYR A 569 14.11 14.51 -16.83
C TYR A 569 15.62 14.64 -16.81
N PHE A 570 16.33 13.97 -17.73
CA PHE A 570 17.78 13.92 -17.70
C PHE A 570 18.41 14.56 -18.93
N GLU A 571 17.70 15.45 -19.61
CA GLU A 571 18.24 16.09 -20.81
C GLU A 571 19.49 16.93 -20.55
N PRO A 572 19.51 17.81 -19.55
CA PRO A 572 20.74 18.57 -19.31
C PRO A 572 21.94 17.68 -19.01
N LEU A 573 21.73 16.63 -18.22
CA LEU A 573 22.82 15.71 -17.92
C LEU A 573 23.25 14.96 -19.17
N PHE A 574 22.31 14.59 -20.02
CA PHE A 574 22.65 13.89 -21.25
C PHE A 574 23.51 14.76 -22.16
N THR A 575 23.13 16.04 -22.30
CA THR A 575 23.92 16.95 -23.12
C THR A 575 25.31 17.17 -22.52
N TRP A 576 25.39 17.37 -21.21
CA TRP A 576 26.68 17.56 -20.56
C TRP A 576 27.56 16.34 -20.72
N LEU A 577 26.98 15.14 -20.62
CA LEU A 577 27.76 13.92 -20.75
C LEU A 577 28.22 13.73 -22.19
N LYS A 578 27.39 14.11 -23.16
CA LYS A 578 27.82 14.04 -24.56
C LYS A 578 28.98 14.99 -24.82
N ASP A 579 28.95 16.17 -24.20
CA ASP A 579 30.06 17.09 -24.33
C ASP A 579 31.31 16.56 -23.64
N GLN A 580 31.14 15.92 -22.47
CA GLN A 580 32.27 15.45 -21.69
C GLN A 580 32.92 14.19 -22.25
N ASN A 581 32.21 13.39 -23.05
CA ASN A 581 32.71 12.13 -23.57
C ASN A 581 33.17 12.25 -25.02
N LYS A 582 33.55 13.44 -25.44
CA LYS A 582 33.99 13.65 -26.82
C LYS A 582 35.38 13.09 -27.09
N ASN A 583 36.21 12.93 -26.06
CA ASN A 583 37.56 12.42 -26.22
C ASN A 583 37.72 11.04 -25.59
N SER A 584 36.63 10.33 -25.34
CA SER A 584 36.65 9.01 -24.75
C SER A 584 35.93 8.04 -25.68
N PHE A 585 35.91 6.77 -25.27
CA PHE A 585 35.23 5.73 -26.03
C PHE A 585 33.95 5.37 -25.30
N VAL A 586 32.83 5.44 -26.01
CA VAL A 586 31.54 5.04 -25.47
C VAL A 586 31.21 3.64 -25.96
N GLY A 587 30.87 2.76 -25.03
CA GLY A 587 30.66 1.35 -25.31
C GLY A 587 31.71 0.49 -24.63
N TRP A 588 31.55 -0.82 -24.77
CA TRP A 588 32.46 -1.75 -24.14
C TRP A 588 32.58 -3.01 -24.99
N SER A 589 33.69 -3.72 -24.78
CA SER A 589 34.00 -4.95 -25.50
C SER A 589 33.87 -6.14 -24.54
N THR A 590 33.26 -7.22 -25.04
CA THR A 590 32.97 -8.39 -24.23
C THR A 590 34.11 -9.40 -24.22
N ASP A 591 35.33 -8.98 -24.53
CA ASP A 591 36.48 -9.87 -24.55
C ASP A 591 37.45 -9.66 -23.40
N TRP A 592 37.66 -8.43 -22.97
CA TRP A 592 38.61 -8.17 -21.91
C TRP A 592 38.11 -8.75 -20.58
N SER A 593 39.04 -9.31 -19.81
CA SER A 593 38.74 -9.86 -18.51
C SER A 593 39.92 -9.59 -17.59
N PRO A 594 39.68 -9.25 -16.32
CA PRO A 594 40.81 -8.97 -15.41
C PRO A 594 41.73 -10.15 -15.20
N TYR A 595 41.20 -11.37 -15.22
CA TYR A 595 42.00 -12.57 -14.97
C TYR A 595 42.75 -13.04 -16.20
N ALA A 596 42.52 -12.44 -17.36
CA ALA A 596 43.20 -12.86 -18.58
C ALA A 596 44.67 -12.49 -18.54
N THR B 1 -47.43 21.31 37.11
CA THR B 1 -47.17 21.03 35.71
C THR B 1 -46.40 19.72 35.58
N ASN B 2 -46.70 18.95 34.54
CA ASN B 2 -46.08 17.63 34.34
C ASN B 2 -45.34 17.61 33.01
N LEU B 3 -44.02 17.76 33.07
CA LEU B 3 -43.19 17.75 31.88
C LEU B 3 -43.16 16.36 31.25
N CYS B 4 -43.06 16.33 29.91
CA CYS B 4 -42.99 15.07 29.19
C CYS B 4 -41.66 14.38 29.48
N PRO B 5 -41.64 13.05 29.54
CA PRO B 5 -40.41 12.35 29.93
C PRO B 5 -39.44 12.18 28.77
N PHE B 6 -38.87 13.29 28.29
CA PHE B 6 -37.80 13.21 27.31
C PHE B 6 -36.46 12.93 27.94
N ASP B 7 -36.39 12.92 29.27
CA ASP B 7 -35.11 12.70 29.95
C ASP B 7 -34.71 11.23 29.91
N GLU B 8 -35.64 10.33 30.14
CA GLU B 8 -35.33 8.91 30.23
C GLU B 8 -35.13 8.26 28.87
N VAL B 9 -35.45 8.96 27.79
CA VAL B 9 -35.25 8.45 26.44
C VAL B 9 -33.87 8.78 25.90
N PHE B 10 -33.51 10.06 25.92
CA PHE B 10 -32.19 10.46 25.46
C PHE B 10 -31.08 9.97 26.37
N ASN B 11 -31.29 9.99 27.67
CA ASN B 11 -30.22 9.79 28.64
C ASN B 11 -30.38 8.42 29.32
N ALA B 12 -30.72 7.39 28.56
CA ALA B 12 -30.81 6.04 29.10
C ALA B 12 -29.42 5.42 29.26
N THR B 13 -29.29 4.53 30.24
CA THR B 13 -28.02 3.86 30.46
C THR B 13 -27.64 2.96 29.29
N ARG B 14 -28.60 2.18 28.79
CA ARG B 14 -28.35 1.26 27.69
C ARG B 14 -29.40 1.43 26.60
N PHE B 15 -28.98 1.26 25.36
CA PHE B 15 -29.85 1.40 24.20
C PHE B 15 -30.12 0.03 23.59
N ALA B 16 -30.84 0.04 22.48
CA ALA B 16 -31.28 -1.19 21.84
C ALA B 16 -30.65 -1.35 20.47
N SER B 17 -30.51 -2.60 20.04
CA SER B 17 -30.01 -2.89 18.72
C SER B 17 -30.99 -2.40 17.66
N VAL B 18 -30.50 -2.22 16.44
CA VAL B 18 -31.29 -1.60 15.40
C VAL B 18 -32.48 -2.47 15.05
N TYR B 19 -32.25 -3.78 14.89
CA TYR B 19 -33.31 -4.67 14.43
C TYR B 19 -34.43 -4.83 15.44
N ALA B 20 -34.15 -4.62 16.72
CA ALA B 20 -35.18 -4.60 17.77
C ALA B 20 -35.09 -3.24 18.44
N TRP B 21 -35.75 -2.25 17.86
CA TRP B 21 -35.65 -0.89 18.35
C TRP B 21 -36.86 -0.55 19.23
N ASN B 22 -36.58 0.14 20.33
CA ASN B 22 -37.60 0.50 21.30
C ASN B 22 -38.49 1.60 20.74
N ARG B 23 -39.72 1.65 21.23
CA ARG B 23 -40.66 2.72 20.91
C ARG B 23 -41.34 3.16 22.20
N LYS B 24 -41.39 4.47 22.42
CA LYS B 24 -42.08 5.02 23.58
C LYS B 24 -43.15 5.98 23.10
N ARG B 25 -44.37 5.78 23.57
CA ARG B 25 -45.50 6.64 23.25
C ARG B 25 -45.62 7.72 24.32
N ILE B 26 -45.17 8.92 23.98
CA ILE B 26 -45.18 10.05 24.90
C ILE B 26 -46.49 10.78 24.68
N SER B 27 -47.36 10.77 25.69
CA SER B 27 -48.73 11.23 25.52
C SER B 27 -49.22 11.94 26.76
N ASN B 28 -50.12 12.90 26.55
CA ASN B 28 -50.94 13.50 27.59
C ASN B 28 -50.10 14.32 28.56
N CYS B 29 -48.89 14.71 28.14
CA CYS B 29 -48.00 15.54 28.95
C CYS B 29 -47.59 16.78 28.17
N VAL B 30 -47.16 17.81 28.90
CA VAL B 30 -46.59 18.99 28.27
C VAL B 30 -45.11 18.73 27.99
N ALA B 31 -44.65 19.15 26.82
CA ALA B 31 -43.31 18.83 26.36
C ALA B 31 -42.50 20.10 26.18
N ASP B 32 -41.34 20.14 26.81
CA ASP B 32 -40.41 21.26 26.67
C ASP B 32 -39.26 20.80 25.77
N TYR B 33 -39.15 21.44 24.60
CA TYR B 33 -38.15 21.03 23.62
C TYR B 33 -36.82 21.73 23.81
N SER B 34 -36.70 22.62 24.79
CA SER B 34 -35.41 23.22 25.09
C SER B 34 -34.48 22.22 25.79
N VAL B 35 -35.04 21.21 26.44
CA VAL B 35 -34.23 20.19 27.07
C VAL B 35 -33.40 19.45 26.03
N LEU B 36 -33.98 19.28 24.84
CA LEU B 36 -33.32 18.53 23.78
C LEU B 36 -32.05 19.24 23.30
N TYR B 37 -31.97 20.56 23.46
CA TYR B 37 -30.78 21.31 23.05
C TYR B 37 -29.56 21.03 23.91
N ASN B 38 -29.71 20.32 25.02
CA ASN B 38 -28.54 19.85 25.74
C ASN B 38 -27.82 18.80 24.89
N PHE B 39 -26.72 18.26 25.43
CA PHE B 39 -25.85 17.37 24.68
C PHE B 39 -25.32 18.08 23.43
N ALA B 40 -24.54 19.14 23.67
CA ALA B 40 -24.21 20.09 22.62
C ALA B 40 -23.67 19.47 21.34
N PRO B 41 -22.78 18.47 21.37
CA PRO B 41 -22.35 17.88 20.09
C PRO B 41 -23.44 17.03 19.45
N PHE B 42 -24.08 17.55 18.40
CA PHE B 42 -25.04 16.79 17.61
C PHE B 42 -24.44 16.65 16.21
N PHE B 43 -24.26 15.41 15.77
CA PHE B 43 -23.77 15.16 14.42
C PHE B 43 -24.85 15.44 13.39
N ALA B 44 -26.11 15.39 13.82
CA ALA B 44 -27.22 15.65 12.92
C ALA B 44 -28.48 16.05 13.69
N PHE B 45 -29.13 17.14 13.29
CA PHE B 45 -30.39 17.58 13.87
C PHE B 45 -31.35 17.99 12.76
N LYS B 46 -31.45 17.16 11.74
CA LYS B 46 -32.31 17.45 10.60
C LYS B 46 -33.77 17.28 11.00
N CYS B 47 -34.61 18.23 10.61
CA CYS B 47 -36.03 18.21 10.93
C CYS B 47 -36.85 18.31 9.65
N TYR B 48 -37.91 17.52 9.56
CA TYR B 48 -38.78 17.48 8.39
C TYR B 48 -40.21 17.72 8.82
N GLY B 49 -40.93 18.52 8.05
CA GLY B 49 -42.34 18.78 8.32
C GLY B 49 -42.60 19.82 9.37
N VAL B 50 -41.58 20.25 10.10
CA VAL B 50 -41.70 21.28 11.12
C VAL B 50 -40.44 22.12 11.09
N SER B 51 -40.36 23.12 11.96
CA SER B 51 -39.13 23.87 12.15
C SER B 51 -38.82 23.87 13.64
N PRO B 52 -37.54 23.76 14.03
CA PRO B 52 -37.22 23.67 15.46
C PRO B 52 -37.66 24.87 16.28
N THR B 53 -37.63 26.07 15.71
CA THR B 53 -37.96 27.27 16.45
C THR B 53 -39.43 27.31 16.87
N LYS B 54 -40.34 27.08 15.93
CA LYS B 54 -41.77 27.21 16.18
C LYS B 54 -42.40 25.90 16.65
N LEU B 55 -41.59 24.89 16.95
CA LEU B 55 -42.13 23.60 17.37
C LEU B 55 -42.91 23.70 18.67
N ASN B 56 -42.63 24.71 19.50
CA ASN B 56 -43.32 24.82 20.77
C ASN B 56 -44.80 25.15 20.59
N ASP B 57 -45.11 26.19 19.81
CA ASP B 57 -46.48 26.68 19.72
C ASP B 57 -47.24 26.03 18.56
N LEU B 58 -47.19 24.70 18.54
CA LEU B 58 -47.97 23.86 17.64
C LEU B 58 -48.02 22.48 18.29
N CYS B 59 -49.18 22.07 18.76
CA CYS B 59 -49.25 20.93 19.65
C CYS B 59 -50.15 19.83 19.11
N PHE B 60 -49.83 18.59 19.49
CA PHE B 60 -50.32 17.40 18.82
C PHE B 60 -51.05 16.44 19.75
N THR B 61 -51.32 15.24 19.25
CA THR B 61 -52.04 14.20 19.99
C THR B 61 -51.10 13.18 20.60
N ASN B 62 -50.27 12.52 19.78
CA ASN B 62 -49.35 11.50 20.24
C ASN B 62 -47.98 11.75 19.63
N VAL B 63 -46.94 11.49 20.42
CA VAL B 63 -45.56 11.62 19.98
C VAL B 63 -44.84 10.31 20.27
N TYR B 64 -44.14 9.79 19.28
CA TYR B 64 -43.41 8.53 19.39
C TYR B 64 -41.92 8.81 19.35
N ALA B 65 -41.17 8.20 20.25
CA ALA B 65 -39.72 8.31 20.29
C ALA B 65 -39.10 6.93 20.10
N ASP B 66 -38.31 6.78 19.03
CA ASP B 66 -37.67 5.52 18.69
C ASP B 66 -36.16 5.68 18.84
N SER B 67 -35.51 4.69 19.45
CA SER B 67 -34.10 4.78 19.80
C SER B 67 -33.36 3.51 19.41
N PHE B 68 -32.14 3.68 18.91
CA PHE B 68 -31.27 2.56 18.57
C PHE B 68 -29.86 3.10 18.40
N VAL B 69 -28.93 2.20 18.04
CA VAL B 69 -27.52 2.54 17.91
C VAL B 69 -27.00 2.00 16.57
N ILE B 70 -26.44 2.89 15.75
CA ILE B 70 -25.91 2.53 14.44
C ILE B 70 -24.47 3.02 14.33
N ARG B 71 -23.85 2.83 13.18
CA ARG B 71 -22.53 3.38 12.91
C ARG B 71 -22.67 4.71 12.18
N GLY B 72 -21.55 5.43 12.09
CA GLY B 72 -21.59 6.79 11.58
C GLY B 72 -21.99 6.88 10.13
N ASN B 73 -21.54 5.92 9.31
CA ASN B 73 -21.79 5.98 7.88
C ASN B 73 -23.27 5.77 7.55
N GLU B 74 -24.05 5.26 8.48
CA GLU B 74 -25.44 4.92 8.25
C GLU B 74 -26.42 5.98 8.76
N VAL B 75 -25.91 7.10 9.27
CA VAL B 75 -26.80 8.14 9.78
C VAL B 75 -27.57 8.77 8.64
N SER B 76 -26.97 8.86 7.46
CA SER B 76 -27.64 9.42 6.29
C SER B 76 -28.75 8.52 5.77
N GLN B 77 -28.86 7.29 6.27
CA GLN B 77 -29.90 6.36 5.83
C GLN B 77 -31.17 6.48 6.66
N ILE B 78 -31.25 7.43 7.58
CA ILE B 78 -32.44 7.60 8.40
C ILE B 78 -33.11 8.91 7.99
N ALA B 79 -33.02 9.22 6.71
CA ALA B 79 -33.82 10.26 6.08
C ALA B 79 -34.87 9.62 5.19
N PRO B 80 -36.02 10.27 4.98
CA PRO B 80 -37.05 9.68 4.12
C PRO B 80 -36.56 9.49 2.71
N GLY B 81 -37.02 8.41 2.08
CA GLY B 81 -36.67 8.15 0.71
C GLY B 81 -35.21 7.86 0.46
N GLN B 82 -34.60 7.02 1.30
CA GLN B 82 -33.22 6.62 1.16
C GLN B 82 -33.15 5.12 0.92
N THR B 83 -32.02 4.67 0.38
CA THR B 83 -31.81 3.25 0.08
C THR B 83 -30.49 2.81 0.70
N GLY B 84 -30.50 1.63 1.31
CA GLY B 84 -29.31 1.10 1.93
C GLY B 84 -29.64 -0.17 2.68
N ASN B 85 -28.62 -0.69 3.36
CA ASN B 85 -28.79 -1.93 4.12
C ASN B 85 -29.68 -1.72 5.33
N ILE B 86 -29.41 -0.68 6.12
CA ILE B 86 -30.21 -0.43 7.31
C ILE B 86 -31.60 0.07 6.94
N ALA B 87 -31.69 0.95 5.95
CA ALA B 87 -32.96 1.56 5.58
C ALA B 87 -33.93 0.59 4.92
N ASP B 88 -33.45 -0.57 4.47
CA ASP B 88 -34.29 -1.52 3.77
C ASP B 88 -34.60 -2.78 4.56
N TYR B 89 -33.71 -3.20 5.45
CA TYR B 89 -33.93 -4.40 6.24
C TYR B 89 -34.10 -4.16 7.73
N ASN B 90 -33.80 -2.96 8.22
CA ASN B 90 -33.82 -2.71 9.66
C ASN B 90 -34.82 -1.66 10.09
N TYR B 91 -34.75 -0.45 9.55
CA TYR B 91 -35.65 0.63 9.95
C TYR B 91 -35.96 1.52 8.76
N LYS B 92 -37.23 1.60 8.39
CA LYS B 92 -37.66 2.33 7.21
C LYS B 92 -38.63 3.43 7.61
N LEU B 93 -38.43 4.62 7.07
CA LEU B 93 -39.24 5.80 7.29
C LEU B 93 -40.05 6.13 6.05
N PRO B 94 -41.30 6.55 6.21
CA PRO B 94 -42.13 6.86 5.03
C PRO B 94 -41.67 8.11 4.31
N ASP B 95 -42.05 8.19 3.04
CA ASP B 95 -41.65 9.32 2.21
C ASP B 95 -42.31 10.63 2.64
N ASP B 96 -43.44 10.57 3.32
CA ASP B 96 -44.19 11.74 3.76
C ASP B 96 -43.97 12.01 5.24
N PHE B 97 -42.75 11.81 5.71
CA PHE B 97 -42.45 11.82 7.12
C PHE B 97 -42.55 13.22 7.70
N THR B 98 -43.03 13.31 8.94
CA THR B 98 -43.05 14.54 9.70
C THR B 98 -42.41 14.29 11.07
N GLY B 99 -41.46 15.14 11.44
CA GLY B 99 -40.71 14.94 12.65
C GLY B 99 -39.25 15.35 12.57
N CYS B 100 -38.43 14.87 13.49
CA CYS B 100 -37.01 15.21 13.52
C CYS B 100 -36.17 13.97 13.76
N VAL B 101 -34.91 14.04 13.33
CA VAL B 101 -33.95 12.95 13.51
C VAL B 101 -32.73 13.51 14.22
N ILE B 102 -32.35 12.91 15.34
CA ILE B 102 -31.27 13.37 16.20
C ILE B 102 -30.25 12.25 16.33
N ALA B 103 -28.98 12.58 16.14
CA ALA B 103 -27.90 11.61 16.28
C ALA B 103 -26.72 12.27 16.96
N TRP B 104 -26.13 11.59 17.94
CA TRP B 104 -24.96 12.10 18.62
C TRP B 104 -23.99 10.97 18.89
N ASN B 105 -22.70 11.31 18.89
CA ASN B 105 -21.63 10.32 19.01
C ASN B 105 -21.56 9.77 20.43
N SER B 106 -21.30 8.48 20.53
CA SER B 106 -21.27 7.78 21.82
C SER B 106 -20.09 6.81 21.85
N ASN B 107 -18.92 7.26 21.39
CA ASN B 107 -17.75 6.40 21.39
C ASN B 107 -17.31 6.05 22.80
N LYS B 108 -17.37 6.99 23.73
CA LYS B 108 -16.86 6.80 25.08
C LYS B 108 -17.73 5.87 25.92
N LEU B 109 -18.91 5.50 25.44
CA LEU B 109 -19.82 4.66 26.19
C LEU B 109 -20.10 3.31 25.55
N ASP B 110 -20.08 3.21 24.23
CA ASP B 110 -20.49 2.01 23.52
C ASP B 110 -19.32 1.23 22.94
N SER B 111 -18.10 1.72 23.11
CA SER B 111 -16.92 1.05 22.58
C SER B 111 -16.03 0.60 23.72
N LYS B 112 -15.61 -0.65 23.66
CA LYS B 112 -14.74 -1.23 24.67
C LYS B 112 -13.54 -1.85 23.98
N VAL B 113 -12.43 -1.94 24.71
CA VAL B 113 -11.26 -2.63 24.20
C VAL B 113 -11.58 -4.11 24.11
N GLY B 114 -11.31 -4.71 22.94
CA GLY B 114 -11.67 -6.07 22.65
C GLY B 114 -12.94 -6.21 21.84
N GLY B 115 -13.89 -5.29 22.02
CA GLY B 115 -15.08 -5.27 21.20
C GLY B 115 -16.39 -5.35 21.97
N ASN B 116 -17.39 -4.62 21.50
CA ASN B 116 -18.74 -4.64 22.08
C ASN B 116 -19.63 -5.40 21.11
N TYR B 117 -19.92 -6.66 21.44
CA TYR B 117 -20.67 -7.55 20.58
C TYR B 117 -22.14 -7.64 20.95
N ASN B 118 -22.65 -6.69 21.72
CA ASN B 118 -24.06 -6.69 22.09
C ASN B 118 -24.94 -5.90 21.14
N TYR B 119 -24.36 -5.23 20.15
CA TYR B 119 -25.13 -4.49 19.17
C TYR B 119 -25.12 -5.27 17.86
N GLN B 120 -26.31 -5.53 17.32
CA GLN B 120 -26.46 -6.36 16.13
C GLN B 120 -27.34 -5.67 15.11
N TYR B 121 -27.18 -6.07 13.86
CA TYR B 121 -27.99 -5.53 12.76
C TYR B 121 -28.22 -6.65 11.75
N ARG B 122 -29.33 -6.54 11.03
CA ARG B 122 -29.75 -7.55 10.07
C ARG B 122 -29.03 -7.33 8.75
N LEU B 123 -28.62 -8.43 8.11
CA LEU B 123 -27.83 -8.39 6.89
C LEU B 123 -28.54 -9.03 5.70
N PHE B 124 -29.39 -10.03 5.95
CA PHE B 124 -30.10 -10.73 4.90
C PHE B 124 -31.58 -10.79 5.23
N ARG B 125 -32.41 -10.41 4.25
CA ARG B 125 -33.85 -10.51 4.38
C ARG B 125 -34.44 -10.77 3.01
N LYS B 126 -35.57 -11.47 2.97
CA LYS B 126 -36.14 -11.89 1.69
C LYS B 126 -36.66 -10.70 0.89
N SER B 127 -37.43 -9.82 1.53
CA SER B 127 -38.01 -8.68 0.86
C SER B 127 -37.77 -7.43 1.69
N ASN B 128 -38.08 -6.28 1.10
CA ASN B 128 -37.87 -5.00 1.77
C ASN B 128 -38.87 -4.85 2.90
N LEU B 129 -38.77 -3.75 3.64
CA LEU B 129 -39.51 -3.54 4.86
C LEU B 129 -40.45 -2.36 4.70
N LYS B 130 -41.72 -2.58 4.99
CA LYS B 130 -42.71 -1.51 4.97
C LYS B 130 -42.43 -0.54 6.13
N PRO B 131 -42.89 0.70 6.02
CA PRO B 131 -42.55 1.70 7.04
C PRO B 131 -43.01 1.30 8.43
N PHE B 132 -42.16 1.60 9.41
CA PHE B 132 -42.46 1.37 10.82
C PHE B 132 -42.83 -0.08 11.09
N GLU B 133 -41.96 -0.99 10.64
CA GLU B 133 -42.13 -2.41 10.88
C GLU B 133 -40.91 -2.95 11.62
N ARG B 134 -41.15 -3.90 12.52
CA ARG B 134 -40.12 -4.44 13.39
C ARG B 134 -40.07 -5.94 13.23
N ASP B 135 -38.91 -6.47 12.84
CA ASP B 135 -38.71 -7.89 12.62
C ASP B 135 -37.64 -8.40 13.58
N ILE B 136 -37.98 -9.46 14.33
CA ILE B 136 -37.07 -10.00 15.33
C ILE B 136 -36.86 -11.48 15.05
N SER B 137 -37.25 -11.93 13.88
CA SER B 137 -37.08 -13.33 13.50
C SER B 137 -35.60 -13.65 13.30
N THR B 138 -35.25 -14.90 13.55
CA THR B 138 -33.87 -15.36 13.46
C THR B 138 -33.79 -16.66 12.67
N GLU B 139 -34.69 -16.83 11.71
CA GLU B 139 -34.72 -18.01 10.86
C GLU B 139 -33.57 -17.96 9.87
N ILE B 140 -33.16 -19.15 9.41
CA ILE B 140 -32.04 -19.26 8.50
C ILE B 140 -32.44 -18.73 7.12
N TYR B 141 -31.58 -17.88 6.56
CA TYR B 141 -31.83 -17.30 5.25
C TYR B 141 -31.48 -18.31 4.18
N GLN B 142 -32.42 -18.61 3.30
CA GLN B 142 -32.21 -19.54 2.20
C GLN B 142 -31.90 -18.76 0.93
N ALA B 143 -30.64 -18.80 0.50
CA ALA B 143 -30.20 -18.07 -0.68
C ALA B 143 -30.02 -18.97 -1.89
N GLY B 144 -30.43 -20.23 -1.78
CA GLY B 144 -30.28 -21.15 -2.88
C GLY B 144 -31.58 -21.83 -3.24
N ASN B 145 -31.50 -23.08 -3.71
CA ASN B 145 -32.70 -23.81 -4.07
C ASN B 145 -32.84 -25.05 -3.21
N LYS B 146 -31.78 -25.37 -2.46
CA LYS B 146 -31.80 -26.51 -1.55
C LYS B 146 -32.34 -26.07 -0.19
N PRO B 147 -33.41 -26.68 0.32
CA PRO B 147 -33.95 -26.28 1.62
C PRO B 147 -32.93 -26.35 2.75
N CYS B 148 -32.93 -25.36 3.64
CA CYS B 148 -31.93 -25.29 4.70
C CYS B 148 -32.21 -26.30 5.81
N ASN B 149 -33.47 -26.43 6.21
CA ASN B 149 -33.88 -27.30 7.31
C ASN B 149 -33.19 -26.95 8.62
N GLY B 150 -33.14 -25.66 8.95
CA GLY B 150 -32.68 -25.21 10.25
C GLY B 150 -31.21 -25.45 10.57
N VAL B 151 -30.35 -25.38 9.56
CA VAL B 151 -28.91 -25.44 9.79
C VAL B 151 -28.24 -24.38 8.92
N ALA B 152 -26.92 -24.30 8.98
CA ALA B 152 -26.19 -23.29 8.22
C ALA B 152 -25.08 -23.93 7.39
N GLY B 153 -24.84 -23.40 6.19
CA GLY B 153 -23.85 -23.96 5.30
C GLY B 153 -23.82 -23.29 3.95
N PHE B 154 -23.85 -24.10 2.89
CA PHE B 154 -23.87 -23.60 1.52
C PHE B 154 -25.21 -22.95 1.23
N ASN B 155 -25.18 -21.64 0.99
CA ASN B 155 -26.40 -20.88 0.68
C ASN B 155 -27.43 -20.97 1.81
N CYS B 156 -27.01 -21.01 3.07
CA CYS B 156 -27.93 -20.99 4.21
C CYS B 156 -27.22 -20.24 5.34
N TYR B 157 -27.51 -18.95 5.45
CA TYR B 157 -26.78 -18.04 6.31
C TYR B 157 -27.61 -17.66 7.52
N PHE B 158 -26.93 -17.17 8.55
CA PHE B 158 -27.50 -16.65 9.78
C PHE B 158 -27.79 -15.17 9.61
N PRO B 159 -29.04 -14.74 9.70
CA PRO B 159 -29.42 -13.39 9.28
C PRO B 159 -28.75 -12.24 10.02
N LEU B 160 -28.48 -12.39 11.31
CA LEU B 160 -28.02 -11.28 12.14
C LEU B 160 -26.52 -11.34 12.36
N ARG B 161 -25.91 -10.18 12.27
CA ARG B 161 -24.46 -10.08 12.45
C ARG B 161 -24.24 -9.09 13.58
N SER B 162 -23.01 -8.90 14.00
CA SER B 162 -22.71 -8.09 15.17
C SER B 162 -21.66 -7.05 14.86
N TYR B 163 -21.83 -5.86 15.43
CA TYR B 163 -20.84 -4.81 15.34
C TYR B 163 -19.64 -5.14 16.22
N GLY B 164 -18.50 -4.56 15.87
CA GLY B 164 -17.27 -4.81 16.60
C GLY B 164 -16.65 -3.57 17.21
N PHE B 165 -17.48 -2.73 17.84
CA PHE B 165 -17.06 -1.40 18.25
C PHE B 165 -15.82 -1.43 19.14
N ARG B 166 -14.87 -0.56 18.82
CA ARG B 166 -13.60 -0.40 19.51
C ARG B 166 -13.26 1.09 19.58
N PRO B 167 -12.39 1.49 20.54
CA PRO B 167 -12.10 2.87 20.75
C PRO B 167 -10.87 3.26 19.93
N THR B 168 -10.80 2.84 18.68
CA THR B 168 -9.59 3.08 17.86
C THR B 168 -10.05 3.14 16.42
N TYR B 169 -11.35 3.03 16.21
CA TYR B 169 -11.91 3.03 14.84
C TYR B 169 -12.03 4.47 14.40
N GLY B 170 -12.37 4.70 13.15
CA GLY B 170 -12.50 6.02 12.58
C GLY B 170 -13.83 6.64 12.92
N VAL B 171 -14.02 7.86 12.45
CA VAL B 171 -15.26 8.58 12.73
C VAL B 171 -16.44 7.88 12.07
N GLY B 172 -16.21 7.32 10.87
CA GLY B 172 -17.28 6.66 10.16
C GLY B 172 -17.70 5.33 10.75
N HIS B 173 -16.83 4.68 11.52
CA HIS B 173 -17.12 3.37 12.09
C HIS B 173 -17.38 3.44 13.59
N GLN B 174 -17.42 4.60 14.16
CA GLN B 174 -17.68 4.73 15.58
C GLN B 174 -19.18 4.71 15.86
N PRO B 175 -19.59 4.28 17.05
CA PRO B 175 -21.02 4.19 17.34
C PRO B 175 -21.70 5.55 17.39
N TYR B 176 -22.98 5.56 17.03
CA TYR B 176 -23.81 6.76 17.09
C TYR B 176 -25.18 6.37 17.62
N ARG B 177 -25.75 7.22 18.46
CA ARG B 177 -27.08 6.98 19.03
C ARG B 177 -28.11 7.88 18.35
N VAL B 178 -29.20 7.29 17.91
CA VAL B 178 -30.19 7.97 17.08
C VAL B 178 -31.55 7.93 17.77
N VAL B 179 -32.21 9.07 17.85
CA VAL B 179 -33.56 9.18 18.38
C VAL B 179 -34.43 9.88 17.33
N VAL B 180 -35.56 9.28 17.00
CA VAL B 180 -36.43 9.75 15.93
C VAL B 180 -37.79 10.09 16.53
N LEU B 181 -38.26 11.31 16.28
CA LEU B 181 -39.53 11.79 16.79
C LEU B 181 -40.56 11.81 15.68
N SER B 182 -41.73 11.22 15.95
CA SER B 182 -42.83 11.21 15.00
C SER B 182 -44.03 11.91 15.59
N PHE B 183 -44.58 12.86 14.85
CA PHE B 183 -45.70 13.68 15.31
C PHE B 183 -46.96 13.25 14.59
N GLU B 184 -47.94 12.78 15.34
CA GLU B 184 -49.23 12.34 14.80
C GLU B 184 -50.32 13.27 15.30
N LEU B 185 -51.09 13.80 14.38
CA LEU B 185 -52.28 14.59 14.71
C LEU B 185 -53.48 13.99 14.00
N LEU B 186 -54.62 14.05 14.67
CA LEU B 186 -55.82 13.38 14.17
C LEU B 186 -57.03 14.05 14.81
N HIS B 187 -58.21 13.75 14.28
CA HIS B 187 -59.44 14.34 14.78
C HIS B 187 -59.68 14.02 16.26
N ALA B 188 -59.07 12.96 16.79
CA ALA B 188 -59.15 12.72 18.23
C ALA B 188 -58.47 13.87 18.96
N PRO B 189 -58.95 14.26 20.13
CA PRO B 189 -58.48 15.50 20.76
C PRO B 189 -56.97 15.56 20.96
N ALA B 190 -56.40 16.75 20.78
CA ALA B 190 -54.96 16.94 20.95
C ALA B 190 -54.60 17.07 22.43
N THR B 191 -53.58 16.33 22.83
CA THR B 191 -53.24 16.23 24.24
C THR B 191 -51.88 16.85 24.57
N VAL B 192 -50.82 16.39 23.90
CA VAL B 192 -49.49 16.92 24.16
C VAL B 192 -49.37 18.33 23.62
N CYS B 193 -49.20 19.30 24.52
CA CYS B 193 -49.05 20.70 24.14
C CYS B 193 -47.96 21.35 24.98
N GLY B 194 -47.30 22.34 24.37
CA GLY B 194 -46.19 23.00 25.01
C GLY B 194 -46.64 23.98 26.06
N PRO B 195 -45.75 24.92 26.39
CA PRO B 195 -45.98 25.91 27.45
C PRO B 195 -47.05 26.93 27.09
C1 NAG C . -8.08 -25.86 -6.84
C2 NAG C . -8.51 -25.72 -8.30
C3 NAG C . -9.88 -26.36 -8.52
C4 NAG C . -9.89 -27.79 -8.00
C5 NAG C . -9.39 -27.84 -6.56
C6 NAG C . -9.24 -29.24 -6.02
C7 NAG C . -8.29 -23.91 -9.95
C8 NAG C . -8.35 -22.44 -10.17
N2 NAG C . -8.53 -24.32 -8.69
O3 NAG C . -10.19 -26.34 -9.91
O4 NAG C . -11.22 -28.30 -8.04
O5 NAG C . -8.09 -27.23 -6.48
O6 NAG C . -8.22 -29.33 -5.04
O7 NAG C . -8.05 -24.70 -10.85
C1 NAG C . -11.27 -29.46 -8.89
C2 NAG C . -12.63 -30.14 -8.68
C3 NAG C . -12.76 -31.36 -9.59
C4 NAG C . -12.49 -30.97 -11.04
C5 NAG C . -11.15 -30.26 -11.15
C6 NAG C . -10.87 -29.74 -12.54
C7 NAG C . -12.07 -31.36 -6.60
C8 NAG C . -12.46 -31.60 -5.18
N2 NAG C . -12.84 -30.50 -7.28
O3 NAG C . -14.08 -31.90 -9.47
O4 NAG C . -12.48 -32.13 -11.86
O5 NAG C . -11.12 -29.13 -10.28
O6 NAG C . -11.58 -30.48 -13.52
O7 NAG C . -11.10 -31.92 -7.11
C1 NAG D . 1.17 28.59 -1.76
C2 NAG D . 2.59 29.13 -1.75
C3 NAG D . 2.90 29.78 -0.41
C4 NAG D . 1.85 30.84 -0.08
C5 NAG D . 0.44 30.24 -0.17
C6 NAG D . -0.63 31.29 -0.03
C7 NAG D . 4.15 27.95 -3.23
C8 NAG D . 3.80 28.96 -4.27
N2 NAG D . 3.55 28.08 -2.04
O3 NAG D . 4.19 30.37 -0.45
O4 NAG D . 2.06 31.34 1.23
O5 NAG D . 0.25 29.64 -1.45
O6 NAG D . -0.26 32.49 -0.70
O7 NAG D . 4.96 27.05 -3.44
C1 NAG D . 2.45 32.72 1.18
C2 NAG D . 2.56 33.23 2.61
C3 NAG D . 3.06 34.67 2.64
C4 NAG D . 4.35 34.80 1.84
C5 NAG D . 4.15 34.24 0.43
C6 NAG D . 5.42 34.23 -0.39
C7 NAG D . 1.05 32.26 4.29
C8 NAG D . 2.19 31.36 4.68
N2 NAG D . 1.28 33.13 3.30
O3 NAG D . 3.30 35.06 3.99
O4 NAG D . 4.73 36.16 1.75
O5 NAG D . 3.70 32.88 0.52
O6 NAG D . 5.59 35.46 -1.09
O7 NAG D . -0.04 32.19 4.84
C1 FUC D . -1.41 33.03 -1.37
C2 FUC D . -0.97 34.37 -1.99
C3 FUC D . 0.05 34.12 -3.10
C4 FUC D . -0.54 33.20 -4.16
C5 FUC D . -1.04 31.90 -3.51
C6 FUC D . -1.84 31.03 -4.47
O2 FUC D . -0.46 35.27 -1.03
O3 FUC D . 0.40 35.35 -3.73
O4 FUC D . -1.62 33.86 -4.81
O5 FUC D . -1.90 32.15 -2.36
C1 NAG E . 4.04 -2.23 26.05
C2 NAG E . 4.03 -3.04 27.35
C3 NAG E . 3.40 -2.23 28.48
C4 NAG E . 4.09 -0.89 28.61
C5 NAG E . 4.10 -0.17 27.27
C6 NAG E . 4.86 1.14 27.31
C7 NAG E . 3.47 -5.35 27.96
C8 NAG E . 2.65 -6.56 27.60
N2 NAG E . 3.31 -4.29 27.16
O3 NAG E . 3.53 -2.96 29.70
O4 NAG E . 3.41 -0.09 29.58
O5 NAG E . 4.73 -0.98 26.28
O6 NAG E . 5.80 1.16 28.38
O7 NAG E . 4.23 -5.35 28.91
C1 NAG F . -21.95 -4.95 -11.38
C2 NAG F . -22.71 -3.93 -12.22
C3 NAG F . -22.82 -2.61 -11.46
C4 NAG F . -23.43 -2.83 -10.09
C5 NAG F . -22.64 -3.90 -9.34
C6 NAG F . -23.26 -4.26 -8.00
C7 NAG F . -22.78 -3.50 -14.62
C8 NAG F . -21.96 -3.32 -15.88
N2 NAG F . -22.09 -3.74 -13.51
O3 NAG F . -23.62 -1.69 -12.21
O4 NAG F . -23.42 -1.62 -9.35
O5 NAG F . -22.59 -5.10 -10.10
O6 NAG F . -22.79 -3.40 -6.97
O7 NAG F . -24.00 -3.44 -14.63
C1 NAG G . -7.48 20.79 7.81
C2 NAG G . -8.69 21.54 7.27
C3 NAG G . -8.53 23.04 7.51
C4 NAG G . -8.26 23.32 8.98
C5 NAG G . -7.04 22.52 9.43
C6 NAG G . -6.75 22.67 10.91
C7 NAG G . -10.06 20.82 5.37
C8 NAG G . -10.09 20.58 3.89
N2 NAG G . -8.89 21.26 5.87
O3 NAG G . -9.72 23.71 7.10
O4 NAG G . -8.00 24.71 9.17
O5 NAG G . -7.27 21.13 9.20
O6 NAG G . -7.03 21.47 11.62
O7 NAG G . -11.03 20.62 6.08
C1 NAG H . 26.80 27.06 -16.80
C2 NAG H . 27.15 26.28 -18.06
C3 NAG H . 28.50 26.71 -18.59
C4 NAG H . 28.54 28.22 -18.80
C5 NAG H . 28.12 28.93 -17.51
C6 NAG H . 28.01 30.43 -17.67
C7 NAG H . 27.87 24.20 -16.93
C8 NAG H . 27.67 22.72 -16.85
N2 NAG H . 27.11 24.84 -17.83
O3 NAG H . 28.75 26.06 -19.83
O4 NAG H . 29.84 28.64 -19.16
O5 NAG H . 26.84 28.47 -17.07
O6 NAG H . 28.52 30.86 -18.93
O7 NAG H . 28.69 24.78 -16.22
ZN ZN I . 7.32 3.41 0.69
C1 NAG J . -27.74 12.30 32.16
C2 NAG J . -27.83 13.71 32.74
C3 NAG J . -26.73 13.92 33.77
C4 NAG J . -26.76 12.83 34.83
C5 NAG J . -26.71 11.45 34.15
C6 NAG J . -26.86 10.31 35.13
C7 NAG J . -28.68 15.69 31.58
C8 NAG J . -28.46 16.65 30.44
N2 NAG J . -27.76 14.72 31.70
O3 NAG J . -26.91 15.19 34.39
O4 NAG J . -25.65 12.96 35.72
O5 NAG J . -27.78 11.33 33.21
O6 NAG J . -28.15 10.30 35.72
O7 NAG J . -29.63 15.80 32.35
#